data_8HP4
#
_entry.id   8HP4
#
_cell.length_a   116.420
_cell.length_b   87.550
_cell.length_c   118.260
_cell.angle_alpha   90.00
_cell.angle_beta   114.06
_cell.angle_gamma   90.00
#
_symmetry.space_group_name_H-M   'I 1 2 1'
#
loop_
_entity.id
_entity.type
_entity.pdbx_description
1 polymer 'Pyruvate decarboxylase'
2 non-polymer 'THIAMINE DIPHOSPHATE'
3 non-polymer 'MAGNESIUM ION'
4 water water
#
_entity_poly.entity_id   1
_entity_poly.type   'polypeptide(L)'
_entity_poly.pdbx_seq_one_letter_code
;MSEITLGRFFFERLHQLQVDTVFGLPGDFNLALLDKIYEVDGMRWAGNANELNAGYAADGYARVNPNGLAALVSTFGVGE
LSLTNAIAGSYSEHVGIINLVGVPSSSAQAKQLLLHHTLGNGDFTVFHRMFKNISQTSAFISDPNTAASEIDRCIRDAYV
YQRPVYIGLPSNLVDVKVPKSLLDKKIDLSLHPNEPESQAEVVETVEKFISEASNPVILVDACAIRHNCLKEVAELIAET
QFPVFTTPMGKSSVDESNPRFGGVYVGSLSSPDVKEAVESADLVLSVGAMLSDFNTGAFSYNYKTRNVVEFHSDYTKIRQ
ATFPGVQMKEALQVLLKTVKKSVNPKYVPAPVPATKAITTPGNNDPVSQEYLWRKVSDWFQEGDVIISETGTSAFGIVQS
KFPKNAIGISQVLWGSIGYATGATCGAAMAAQEIDPKKRVILFTGDGSLQLTVQEISTMCKWDCYNTYLYVLNNDGYTIE
RLIHGEKAQYNDIQPWNNLQLLPLFNAKKYETKRISTVGELNDLFTNKEFAVPDRIRMVEIMLPVMDAPANLVAQAKQSA
ATNAAQE
;
_entity_poly.pdbx_strand_id   A,B
#
# COMPACT_ATOMS: atom_id res chain seq x y z
N SER A 2 -12.83 1.44 -40.87
CA SER A 2 -13.26 2.17 -39.63
C SER A 2 -12.49 1.64 -38.41
N GLU A 3 -11.67 2.50 -37.78
CA GLU A 3 -10.57 2.09 -36.86
C GLU A 3 -10.74 2.73 -35.49
N ILE A 4 -10.18 2.08 -34.45
CA ILE A 4 -10.13 2.58 -33.04
C ILE A 4 -8.69 2.40 -32.52
N THR A 5 -8.31 3.19 -31.51
CA THR A 5 -7.01 3.07 -30.80
C THR A 5 -7.02 1.77 -29.99
N LEU A 6 -5.85 1.15 -29.82
CA LEU A 6 -5.68 -0.03 -28.94
C LEU A 6 -6.16 0.32 -27.53
N GLY A 7 -5.85 1.53 -27.06
CA GLY A 7 -6.33 2.05 -25.77
C GLY A 7 -7.84 1.87 -25.63
N ARG A 8 -8.60 2.34 -26.62
CA ARG A 8 -10.08 2.27 -26.62
C ARG A 8 -10.52 0.81 -26.69
N PHE A 9 -9.89 0.02 -27.56
CA PHE A 9 -10.14 -1.44 -27.70
C PHE A 9 -10.19 -2.07 -26.31
N PHE A 10 -9.18 -1.78 -25.47
CA PHE A 10 -9.05 -2.36 -24.12
C PHE A 10 -10.33 -2.10 -23.32
N PHE A 11 -10.77 -0.84 -23.28
CA PHE A 11 -11.96 -0.41 -22.49
C PHE A 11 -13.23 -0.95 -23.14
N GLU A 12 -13.28 -1.07 -24.47
CA GLU A 12 -14.46 -1.63 -25.18
C GLU A 12 -14.65 -3.09 -24.73
N ARG A 13 -13.56 -3.85 -24.61
CA ARG A 13 -13.58 -5.27 -24.13
C ARG A 13 -14.11 -5.35 -22.70
N LEU A 14 -13.75 -4.41 -21.83
CA LEU A 14 -14.27 -4.35 -20.44
C LEU A 14 -15.78 -4.10 -20.52
N HIS A 15 -16.21 -3.16 -21.38
CA HIS A 15 -17.65 -2.79 -21.53
C HIS A 15 -18.44 -4.03 -21.90
N GLN A 16 -17.91 -4.83 -22.83
CA GLN A 16 -18.53 -6.08 -23.32
C GLN A 16 -18.69 -7.09 -22.18
N LEU A 17 -17.75 -7.12 -21.23
CA LEU A 17 -17.78 -8.03 -20.05
C LEU A 17 -18.44 -7.34 -18.86
N GLN A 18 -19.19 -6.24 -19.08
CA GLN A 18 -19.91 -5.48 -18.03
C GLN A 18 -18.97 -5.05 -16.89
N VAL A 19 -17.70 -4.80 -17.20
CA VAL A 19 -16.71 -4.15 -16.29
C VAL A 19 -16.75 -2.65 -16.65
N ASP A 20 -17.73 -1.91 -16.08
CA ASP A 20 -18.08 -0.53 -16.48
C ASP A 20 -17.51 0.49 -15.49
N THR A 21 -16.86 0.01 -14.43
CA THR A 21 -16.03 0.84 -13.52
C THR A 21 -14.58 0.35 -13.62
N VAL A 22 -13.61 1.26 -13.73
CA VAL A 22 -12.14 0.97 -13.78
C VAL A 22 -11.49 1.69 -12.59
N PHE A 23 -10.75 0.94 -11.78
CA PHE A 23 -10.11 1.42 -10.53
C PHE A 23 -8.64 1.74 -10.83
N GLY A 24 -8.00 2.46 -9.91
CA GLY A 24 -6.58 2.83 -9.97
C GLY A 24 -6.41 4.34 -10.01
N LEU A 25 -5.21 4.80 -10.34
CA LEU A 25 -4.83 6.22 -10.32
C LEU A 25 -4.04 6.56 -11.58
N PRO A 26 -4.10 7.84 -12.01
CA PRO A 26 -3.32 8.28 -13.16
C PRO A 26 -1.84 8.41 -12.77
N GLY A 27 -0.98 8.38 -13.77
CA GLY A 27 0.47 8.64 -13.58
C GLY A 27 1.13 8.93 -14.90
N ASP A 28 2.43 9.21 -14.86
CA ASP A 28 3.24 9.65 -16.02
C ASP A 28 3.02 8.75 -17.26
N PHE A 29 2.70 7.46 -17.08
CA PHE A 29 2.74 6.48 -18.21
C PHE A 29 1.38 5.85 -18.50
N ASN A 30 0.27 6.49 -18.10
CA ASN A 30 -1.09 5.97 -18.42
C ASN A 30 -2.09 7.08 -18.78
N LEU A 31 -1.67 8.33 -18.96
CA LEU A 31 -2.63 9.46 -19.17
C LEU A 31 -3.32 9.31 -20.54
N ALA A 32 -2.55 9.03 -21.59
CA ALA A 32 -3.09 8.84 -22.96
C ALA A 32 -4.09 7.68 -22.94
N LEU A 33 -3.87 6.65 -22.11
CA LEU A 33 -4.75 5.45 -22.03
C LEU A 33 -6.07 5.81 -21.34
N LEU A 34 -6.01 6.57 -20.24
CA LEU A 34 -7.21 6.93 -19.43
C LEU A 34 -8.16 7.79 -20.27
N ASP A 35 -7.63 8.61 -21.18
CA ASP A 35 -8.43 9.44 -22.12
C ASP A 35 -9.49 8.58 -22.80
N LYS A 36 -9.22 7.28 -22.97
CA LYS A 36 -10.04 6.37 -23.82
C LYS A 36 -11.26 5.86 -23.06
N ILE A 37 -11.22 5.80 -21.71
CA ILE A 37 -12.40 5.38 -20.91
C ILE A 37 -13.61 6.23 -21.34
N TYR A 38 -13.40 7.54 -21.53
CA TYR A 38 -14.46 8.55 -21.78
C TYR A 38 -15.08 8.37 -23.16
N GLU A 39 -14.37 7.69 -24.06
CA GLU A 39 -14.84 7.37 -25.44
C GLU A 39 -15.77 6.15 -25.45
N VAL A 40 -15.93 5.46 -24.32
CA VAL A 40 -16.74 4.20 -24.22
C VAL A 40 -17.93 4.48 -23.30
N ASP A 41 -19.12 4.64 -23.89
CA ASP A 41 -20.36 5.07 -23.21
C ASP A 41 -20.64 4.08 -22.06
N GLY A 42 -20.98 4.59 -20.88
CA GLY A 42 -21.40 3.80 -19.71
C GLY A 42 -20.26 3.53 -18.74
N MET A 43 -19.02 3.79 -19.15
CA MET A 43 -17.79 3.51 -18.38
C MET A 43 -17.42 4.73 -17.55
N ARG A 44 -16.95 4.51 -16.32
CA ARG A 44 -16.46 5.60 -15.44
C ARG A 44 -15.13 5.19 -14.83
N TRP A 45 -14.25 6.18 -14.69
CA TRP A 45 -12.98 6.10 -13.92
C TRP A 45 -13.28 6.45 -12.46
N ALA A 46 -13.02 5.54 -11.52
CA ALA A 46 -13.31 5.71 -10.08
C ALA A 46 -12.51 6.89 -9.54
N GLY A 47 -11.24 7.03 -9.95
CA GLY A 47 -10.32 8.02 -9.38
C GLY A 47 -10.07 7.74 -7.89
N ASN A 48 -9.40 6.63 -7.60
CA ASN A 48 -9.25 6.08 -6.23
C ASN A 48 -8.35 6.99 -5.39
N ALA A 49 -8.48 6.88 -4.06
CA ALA A 49 -7.77 7.72 -3.07
C ALA A 49 -6.33 7.23 -2.93
N ASN A 50 -6.06 5.95 -3.13
CA ASN A 50 -4.68 5.40 -3.31
C ASN A 50 -4.75 4.04 -4.02
N GLU A 51 -3.60 3.54 -4.47
CA GLU A 51 -3.50 2.37 -5.38
C GLU A 51 -3.87 1.08 -4.62
N LEU A 52 -3.38 0.89 -3.40
CA LEU A 52 -3.71 -0.32 -2.61
C LEU A 52 -5.23 -0.44 -2.50
N ASN A 53 -5.89 0.67 -2.17
CA ASN A 53 -7.36 0.77 -2.01
C ASN A 53 -8.05 0.52 -3.35
N ALA A 54 -7.48 1.04 -4.44
CA ALA A 54 -7.97 0.77 -5.81
C ALA A 54 -8.01 -0.73 -6.02
N GLY A 55 -6.91 -1.41 -5.71
CA GLY A 55 -6.77 -2.87 -5.83
C GLY A 55 -7.80 -3.60 -4.97
N TYR A 56 -8.01 -3.14 -3.74
CA TYR A 56 -9.03 -3.68 -2.81
C TYR A 56 -10.42 -3.48 -3.43
N ALA A 57 -10.68 -2.29 -3.98
CA ALA A 57 -11.94 -1.92 -4.66
C ALA A 57 -12.18 -2.88 -5.85
N ALA A 58 -11.21 -3.00 -6.75
CA ALA A 58 -11.27 -3.94 -7.90
C ALA A 58 -11.72 -5.31 -7.38
N ASP A 59 -11.11 -5.80 -6.29
CA ASP A 59 -11.40 -7.13 -5.69
C ASP A 59 -12.87 -7.19 -5.30
N GLY A 60 -13.34 -6.19 -4.54
CA GLY A 60 -14.75 -6.05 -4.12
C GLY A 60 -15.68 -6.03 -5.32
N TYR A 61 -15.33 -5.26 -6.34
CA TYR A 61 -16.12 -5.11 -7.60
C TYR A 61 -16.29 -6.49 -8.25
N ALA A 62 -15.17 -7.21 -8.42
CA ALA A 62 -15.11 -8.55 -9.06
C ALA A 62 -16.04 -9.53 -8.33
N ARG A 63 -16.15 -9.43 -7.02
CA ARG A 63 -16.98 -10.36 -6.20
C ARG A 63 -18.47 -10.04 -6.32
N VAL A 64 -18.85 -8.98 -7.04
CA VAL A 64 -20.27 -8.59 -7.32
C VAL A 64 -20.53 -8.65 -8.83
N ASN A 65 -19.54 -8.29 -9.65
CA ASN A 65 -19.64 -8.31 -11.13
C ASN A 65 -20.13 -9.69 -11.59
N PRO A 66 -21.16 -9.76 -12.47
CA PRO A 66 -21.73 -11.03 -12.91
C PRO A 66 -20.73 -12.02 -13.55
N ASN A 67 -19.72 -11.54 -14.25
CA ASN A 67 -18.62 -12.37 -14.84
C ASN A 67 -17.46 -12.54 -13.85
N GLY A 68 -17.54 -11.99 -12.64
CA GLY A 68 -16.48 -12.10 -11.62
C GLY A 68 -15.17 -11.44 -12.04
N LEU A 69 -15.24 -10.30 -12.74
CA LEU A 69 -14.06 -9.56 -13.29
C LEU A 69 -14.06 -8.11 -12.78
N ALA A 70 -12.87 -7.53 -12.68
CA ALA A 70 -12.66 -6.09 -12.45
C ALA A 70 -11.39 -5.67 -13.21
N ALA A 71 -11.18 -4.36 -13.36
CA ALA A 71 -10.04 -3.79 -14.09
C ALA A 71 -9.32 -2.77 -13.21
N LEU A 72 -7.99 -2.82 -13.21
CA LEU A 72 -7.08 -1.83 -12.60
C LEU A 72 -6.25 -1.18 -13.71
N VAL A 73 -6.08 0.14 -13.64
CA VAL A 73 -5.02 0.87 -14.39
C VAL A 73 -4.14 1.62 -13.38
N SER A 74 -2.84 1.35 -13.41
CA SER A 74 -1.81 2.03 -12.59
C SER A 74 -0.68 2.51 -13.50
N THR A 75 0.26 3.27 -12.93
CA THR A 75 1.47 3.78 -13.63
C THR A 75 2.67 2.91 -13.24
N PHE A 76 3.68 2.89 -14.11
CA PHE A 76 4.99 2.19 -13.96
C PHE A 76 5.59 2.50 -12.57
N GLY A 77 6.06 1.44 -11.90
CA GLY A 77 6.76 1.50 -10.59
C GLY A 77 5.86 1.92 -9.45
N VAL A 78 5.74 3.23 -9.22
CA VAL A 78 5.07 3.86 -8.05
C VAL A 78 3.61 3.40 -7.96
N GLY A 79 2.93 3.26 -9.10
CA GLY A 79 1.53 2.80 -9.18
C GLY A 79 1.43 1.32 -8.85
N GLU A 80 1.99 0.48 -9.71
CA GLU A 80 1.88 -1.00 -9.61
C GLU A 80 2.34 -1.49 -8.22
N LEU A 81 3.49 -1.05 -7.72
CA LEU A 81 4.07 -1.65 -6.48
C LEU A 81 3.18 -1.34 -5.26
N SER A 82 2.42 -0.25 -5.30
CA SER A 82 1.47 0.14 -4.23
C SER A 82 0.28 -0.83 -4.18
N LEU A 83 -0.03 -1.54 -5.29
CA LEU A 83 -1.15 -2.50 -5.46
CA LEU A 83 -1.19 -2.49 -5.32
C LEU A 83 -0.72 -3.94 -5.18
N THR A 84 0.58 -4.17 -4.97
CA THR A 84 1.16 -5.53 -4.85
C THR A 84 0.31 -6.40 -3.92
N ASN A 85 0.04 -5.94 -2.70
CA ASN A 85 -0.64 -6.71 -1.63
C ASN A 85 -2.11 -6.97 -2.03
N ALA A 86 -2.73 -6.08 -2.80
CA ALA A 86 -4.11 -6.22 -3.32
C ALA A 86 -4.18 -7.39 -4.31
N ILE A 87 -3.25 -7.42 -5.27
CA ILE A 87 -3.16 -8.46 -6.34
C ILE A 87 -2.81 -9.83 -5.71
N ALA A 88 -1.89 -9.85 -4.73
CA ALA A 88 -1.51 -11.08 -4.00
C ALA A 88 -2.77 -11.72 -3.41
N GLY A 89 -3.60 -10.93 -2.70
CA GLY A 89 -4.86 -11.38 -2.08
C GLY A 89 -5.87 -11.86 -3.11
N SER A 90 -5.97 -11.17 -4.26
CA SER A 90 -6.85 -11.56 -5.39
C SER A 90 -6.40 -12.94 -5.93
N TYR A 91 -5.09 -13.15 -6.08
CA TYR A 91 -4.47 -14.42 -6.49
C TYR A 91 -4.80 -15.48 -5.43
N SER A 92 -4.60 -15.14 -4.17
CA SER A 92 -4.76 -16.07 -3.02
C SER A 92 -6.18 -16.63 -3.00
N GLU A 93 -7.19 -15.77 -3.21
CA GLU A 93 -8.63 -16.13 -3.07
C GLU A 93 -9.32 -16.25 -4.44
N HIS A 94 -8.54 -16.36 -5.52
CA HIS A 94 -9.02 -16.58 -6.91
C HIS A 94 -10.03 -15.49 -7.32
N VAL A 95 -9.57 -14.25 -7.48
CA VAL A 95 -10.42 -13.12 -7.95
C VAL A 95 -9.86 -12.63 -9.28
N GLY A 96 -10.74 -12.46 -10.27
CA GLY A 96 -10.36 -12.18 -11.67
C GLY A 96 -10.07 -10.72 -11.89
N ILE A 97 -8.84 -10.29 -11.62
CA ILE A 97 -8.40 -8.86 -11.74
C ILE A 97 -7.66 -8.69 -13.07
N ILE A 98 -8.14 -7.79 -13.92
CA ILE A 98 -7.42 -7.36 -15.15
C ILE A 98 -6.53 -6.18 -14.75
N ASN A 99 -5.31 -6.49 -14.29
CA ASN A 99 -4.36 -5.51 -13.70
C ASN A 99 -3.47 -4.98 -14.83
N LEU A 100 -3.88 -3.87 -15.45
CA LEU A 100 -3.12 -3.23 -16.54
C LEU A 100 -2.24 -2.14 -15.95
N VAL A 101 -1.00 -2.03 -16.42
CA VAL A 101 -0.01 -1.03 -15.95
C VAL A 101 0.55 -0.30 -17.18
N GLY A 102 0.41 1.02 -17.22
CA GLY A 102 1.01 1.89 -18.24
C GLY A 102 2.51 2.03 -18.00
N VAL A 103 3.33 1.65 -18.99
CA VAL A 103 4.81 1.55 -18.88
C VAL A 103 5.46 2.46 -19.94
N PRO A 104 6.76 2.77 -19.82
CA PRO A 104 7.44 3.65 -20.79
C PRO A 104 7.48 3.07 -22.20
N SER A 105 7.63 3.95 -23.19
CA SER A 105 7.77 3.66 -24.65
C SER A 105 8.68 2.45 -24.89
N SER A 106 8.29 1.58 -25.84
CA SER A 106 9.13 0.48 -26.38
C SER A 106 9.83 0.95 -27.67
N LEU A 115 14.00 7.27 -16.83
CA LEU A 115 14.96 7.52 -15.73
C LEU A 115 14.31 8.41 -14.65
N HIS A 116 13.08 8.06 -14.25
CA HIS A 116 12.20 8.68 -13.23
C HIS A 116 11.15 7.61 -12.87
N HIS A 117 11.05 7.22 -11.59
CA HIS A 117 10.33 6.00 -11.11
C HIS A 117 11.15 4.74 -11.46
N THR A 118 12.49 4.83 -11.48
CA THR A 118 13.44 3.72 -11.75
C THR A 118 14.16 3.35 -10.44
N LEU A 119 14.72 2.14 -10.37
CA LEU A 119 15.59 1.68 -9.25
C LEU A 119 17.03 2.19 -9.45
N GLY A 120 17.24 3.15 -10.36
CA GLY A 120 18.57 3.73 -10.64
C GLY A 120 19.36 2.95 -11.70
N ASN A 121 19.01 1.68 -11.95
CA ASN A 121 19.56 0.82 -13.04
C ASN A 121 18.79 1.14 -14.34
N GLY A 122 18.90 0.27 -15.35
CA GLY A 122 18.18 0.42 -16.63
C GLY A 122 17.31 -0.79 -16.94
N ASP A 123 16.79 -1.45 -15.91
CA ASP A 123 15.99 -2.70 -16.00
C ASP A 123 14.50 -2.34 -15.93
N PHE A 124 13.80 -2.34 -17.07
CA PHE A 124 12.41 -1.85 -17.23
C PHE A 124 11.39 -2.98 -17.00
N THR A 125 11.84 -4.22 -16.78
CA THR A 125 10.96 -5.40 -16.57
C THR A 125 10.92 -5.79 -15.09
N VAL A 126 11.76 -5.18 -14.26
CA VAL A 126 11.93 -5.55 -12.82
C VAL A 126 10.56 -5.65 -12.14
N PHE A 127 9.62 -4.74 -12.44
CA PHE A 127 8.30 -4.67 -11.77
C PHE A 127 7.38 -5.76 -12.32
N HIS A 128 7.42 -6.03 -13.63
CA HIS A 128 6.69 -7.12 -14.32
C HIS A 128 7.08 -8.47 -13.74
N ARG A 129 8.38 -8.70 -13.53
CA ARG A 129 8.95 -9.99 -13.05
C ARG A 129 8.47 -10.25 -11.61
N MET A 130 8.36 -9.21 -10.78
CA MET A 130 7.85 -9.31 -9.39
C MET A 130 6.38 -9.75 -9.39
N PHE A 131 5.58 -9.32 -10.37
CA PHE A 131 4.11 -9.57 -10.44
C PHE A 131 3.79 -10.95 -11.04
N LYS A 132 4.77 -11.65 -11.62
CA LYS A 132 4.58 -13.00 -12.21
C LYS A 132 4.18 -14.02 -11.12
N ASN A 133 4.67 -13.84 -9.89
CA ASN A 133 4.43 -14.77 -8.75
C ASN A 133 2.97 -14.68 -8.28
N ILE A 134 2.30 -13.55 -8.54
CA ILE A 134 0.92 -13.24 -8.07
C ILE A 134 0.02 -12.92 -9.27
N SER A 135 0.41 -13.41 -10.46
CA SER A 135 -0.34 -13.31 -11.73
C SER A 135 -0.50 -14.72 -12.32
N GLN A 136 -1.69 -15.05 -12.82
CA GLN A 136 -1.98 -16.31 -13.56
C GLN A 136 -1.16 -16.30 -14.85
N THR A 137 -1.12 -15.15 -15.54
CA THR A 137 -0.39 -14.95 -16.82
C THR A 137 -0.03 -13.47 -16.98
N SER A 138 0.94 -13.17 -17.84
CA SER A 138 1.43 -11.80 -18.11
C SER A 138 1.41 -11.53 -19.62
N ALA A 139 1.51 -10.25 -20.00
CA ALA A 139 1.85 -9.78 -21.35
C ALA A 139 2.51 -8.41 -21.20
N PHE A 140 3.83 -8.35 -21.45
CA PHE A 140 4.60 -7.10 -21.64
C PHE A 140 4.53 -6.79 -23.13
N ILE A 141 3.42 -6.17 -23.55
CA ILE A 141 3.04 -5.98 -24.99
C ILE A 141 4.08 -5.10 -25.69
N SER A 142 4.62 -5.55 -26.83
CA SER A 142 5.60 -4.82 -27.69
C SER A 142 5.07 -4.71 -29.11
N ASP A 143 4.80 -5.87 -29.73
CA ASP A 143 4.38 -6.03 -31.14
C ASP A 143 3.00 -5.41 -31.33
N PRO A 144 2.84 -4.40 -32.21
CA PRO A 144 1.51 -3.92 -32.61
C PRO A 144 0.59 -5.01 -33.18
N ASN A 145 1.14 -5.97 -33.91
CA ASN A 145 0.38 -6.94 -34.74
C ASN A 145 -0.41 -7.92 -33.85
N THR A 146 0.10 -8.21 -32.64
CA THR A 146 -0.44 -9.23 -31.70
C THR A 146 -1.06 -8.58 -30.45
N ALA A 147 -1.07 -7.24 -30.36
CA ALA A 147 -1.42 -6.49 -29.12
C ALA A 147 -2.88 -6.79 -28.69
N ALA A 148 -3.83 -6.69 -29.62
CA ALA A 148 -5.27 -6.96 -29.40
C ALA A 148 -5.43 -8.39 -28.89
N SER A 149 -4.83 -9.36 -29.58
CA SER A 149 -4.88 -10.82 -29.28
C SER A 149 -4.40 -11.08 -27.85
N GLU A 150 -3.33 -10.39 -27.43
CA GLU A 150 -2.67 -10.58 -26.11
C GLU A 150 -3.60 -10.09 -24.98
N ILE A 151 -4.18 -8.90 -25.16
CA ILE A 151 -5.19 -8.32 -24.23
C ILE A 151 -6.30 -9.37 -24.07
N ASP A 152 -6.86 -9.84 -25.18
CA ASP A 152 -7.92 -10.88 -25.23
C ASP A 152 -7.47 -12.13 -24.44
N ARG A 153 -6.27 -12.64 -24.74
CA ARG A 153 -5.73 -13.87 -24.11
C ARG A 153 -5.69 -13.70 -22.58
N CYS A 154 -5.12 -12.58 -22.11
CA CYS A 154 -4.97 -12.24 -20.67
C CYS A 154 -6.35 -12.14 -20.01
N ILE A 155 -7.29 -11.47 -20.66
CA ILE A 155 -8.66 -11.26 -20.12
C ILE A 155 -9.35 -12.63 -19.97
N ARG A 156 -9.20 -13.52 -20.97
CA ARG A 156 -9.77 -14.89 -20.93
C ARG A 156 -9.22 -15.64 -19.72
N ASP A 157 -7.90 -15.66 -19.55
CA ASP A 157 -7.23 -16.38 -18.43
C ASP A 157 -7.82 -15.90 -17.11
N ALA A 158 -7.91 -14.57 -16.90
CA ALA A 158 -8.50 -13.95 -15.69
C ALA A 158 -9.86 -14.59 -15.39
N TYR A 159 -10.74 -14.67 -16.39
CA TYR A 159 -12.12 -15.21 -16.27
C TYR A 159 -12.10 -16.72 -15.99
N VAL A 160 -11.34 -17.46 -16.77
CA VAL A 160 -11.29 -18.96 -16.78
C VAL A 160 -10.69 -19.46 -15.47
N TYR A 161 -9.51 -18.96 -15.07
CA TYR A 161 -8.77 -19.36 -13.84
C TYR A 161 -9.19 -18.51 -12.64
N GLN A 162 -10.06 -17.52 -12.87
CA GLN A 162 -10.58 -16.61 -11.82
C GLN A 162 -9.38 -16.15 -10.97
N ARG A 163 -8.46 -15.40 -11.59
CA ARG A 163 -7.20 -14.95 -10.96
C ARG A 163 -6.73 -13.67 -11.64
N PRO A 164 -5.85 -12.88 -10.98
CA PRO A 164 -5.27 -11.70 -11.60
C PRO A 164 -4.42 -12.05 -12.83
N VAL A 165 -4.31 -11.09 -13.75
CA VAL A 165 -3.40 -11.13 -14.94
C VAL A 165 -2.72 -9.76 -15.04
N TYR A 166 -1.43 -9.74 -15.41
CA TYR A 166 -0.64 -8.49 -15.53
C TYR A 166 -0.53 -8.12 -17.01
N ILE A 167 -0.98 -6.94 -17.40
CA ILE A 167 -0.81 -6.38 -18.77
C ILE A 167 0.04 -5.11 -18.65
N GLY A 168 1.27 -5.15 -19.16
CA GLY A 168 2.13 -3.96 -19.34
C GLY A 168 1.91 -3.35 -20.71
N LEU A 169 1.34 -2.14 -20.78
CA LEU A 169 1.02 -1.44 -22.05
C LEU A 169 1.92 -0.21 -22.21
N PRO A 170 2.92 -0.25 -23.11
CA PRO A 170 3.76 0.92 -23.36
C PRO A 170 2.94 2.09 -23.91
N SER A 171 3.25 3.31 -23.49
CA SER A 171 2.53 4.56 -23.87
C SER A 171 2.41 4.65 -25.39
N ASN A 172 3.44 4.22 -26.13
CA ASN A 172 3.54 4.42 -27.60
C ASN A 172 2.50 3.55 -28.32
N LEU A 173 2.05 2.46 -27.70
CA LEU A 173 1.11 1.47 -28.31
C LEU A 173 -0.34 1.83 -27.99
N VAL A 174 -0.59 2.83 -27.16
CA VAL A 174 -1.97 3.22 -26.74
C VAL A 174 -2.74 3.68 -27.99
N ASP A 175 -2.17 4.58 -28.79
CA ASP A 175 -2.89 5.30 -29.88
C ASP A 175 -2.75 4.56 -31.22
N VAL A 176 -2.03 3.42 -31.25
CA VAL A 176 -1.93 2.54 -32.45
C VAL A 176 -3.34 2.14 -32.91
N LYS A 177 -3.64 2.34 -34.19
CA LYS A 177 -4.99 2.10 -34.77
C LYS A 177 -5.17 0.61 -35.02
N VAL A 178 -6.43 0.15 -34.94
CA VAL A 178 -6.83 -1.28 -34.99
C VAL A 178 -8.24 -1.33 -35.56
N PRO A 179 -8.63 -2.36 -36.36
CA PRO A 179 -9.99 -2.45 -36.88
C PRO A 179 -11.04 -2.46 -35.75
N LYS A 180 -12.08 -1.63 -35.89
CA LYS A 180 -13.27 -1.64 -35.01
C LYS A 180 -13.90 -3.04 -35.03
N SER A 181 -13.83 -3.70 -36.19
CA SER A 181 -14.41 -5.03 -36.48
C SER A 181 -13.88 -6.09 -35.49
N LEU A 182 -12.70 -5.88 -34.90
CA LEU A 182 -12.12 -6.84 -33.92
C LEU A 182 -13.10 -7.06 -32.76
N LEU A 183 -13.85 -6.03 -32.38
CA LEU A 183 -14.83 -6.09 -31.25
C LEU A 183 -16.03 -6.98 -31.59
N ASP A 184 -16.31 -7.22 -32.88
CA ASP A 184 -17.44 -8.08 -33.34
C ASP A 184 -17.18 -9.53 -32.96
N LYS A 185 -15.91 -9.94 -32.84
CA LYS A 185 -15.52 -11.28 -32.33
C LYS A 185 -15.33 -11.16 -30.81
N LYS A 186 -16.32 -11.61 -30.04
CA LYS A 186 -16.33 -11.56 -28.56
C LYS A 186 -15.18 -12.43 -28.05
N ILE A 187 -14.62 -12.12 -26.89
CA ILE A 187 -13.58 -12.98 -26.27
C ILE A 187 -14.23 -14.32 -25.92
N ASP A 188 -13.61 -15.43 -26.30
CA ASP A 188 -14.07 -16.81 -26.01
C ASP A 188 -13.90 -17.05 -24.50
N LEU A 189 -15.00 -17.15 -23.76
CA LEU A 189 -14.97 -17.36 -22.28
C LEU A 189 -15.26 -18.83 -21.94
N SER A 190 -15.71 -19.62 -22.91
CA SER A 190 -16.21 -21.01 -22.70
C SER A 190 -15.04 -21.92 -22.33
N LEU A 191 -15.34 -22.98 -21.58
CA LEU A 191 -14.38 -24.03 -21.16
C LEU A 191 -14.38 -25.14 -22.21
N HIS A 192 -13.24 -25.80 -22.41
CA HIS A 192 -13.16 -27.06 -23.21
C HIS A 192 -14.10 -28.06 -22.56
N PRO A 193 -14.86 -28.88 -23.31
CA PRO A 193 -15.66 -29.95 -22.69
C PRO A 193 -14.72 -30.90 -21.94
N ASN A 194 -15.20 -31.48 -20.84
CA ASN A 194 -14.47 -32.50 -20.04
C ASN A 194 -14.24 -33.73 -20.94
N GLU A 195 -13.14 -34.46 -20.69
CA GLU A 195 -12.88 -35.79 -21.31
C GLU A 195 -14.04 -36.71 -20.92
N PRO A 196 -14.83 -37.23 -21.89
CA PRO A 196 -16.08 -37.92 -21.56
C PRO A 196 -15.88 -39.12 -20.62
N GLU A 197 -14.85 -39.93 -20.86
CA GLU A 197 -14.56 -41.18 -20.11
C GLU A 197 -14.24 -40.85 -18.64
N SER A 198 -13.37 -39.87 -18.39
CA SER A 198 -12.99 -39.42 -17.03
C SER A 198 -14.24 -38.96 -16.28
N GLN A 199 -15.07 -38.17 -16.94
CA GLN A 199 -16.33 -37.62 -16.38
C GLN A 199 -17.27 -38.78 -15.99
N ALA A 200 -17.49 -39.70 -16.92
CA ALA A 200 -18.37 -40.88 -16.74
C ALA A 200 -17.90 -41.67 -15.51
N GLU A 201 -16.59 -41.91 -15.38
CA GLU A 201 -15.97 -42.67 -14.26
C GLU A 201 -16.24 -41.94 -12.95
N VAL A 202 -16.01 -40.63 -12.89
CA VAL A 202 -16.27 -39.76 -11.70
C VAL A 202 -17.76 -39.93 -11.31
N VAL A 203 -18.68 -39.69 -12.24
CA VAL A 203 -20.15 -39.68 -12.00
C VAL A 203 -20.55 -41.08 -11.49
N GLU A 204 -20.18 -42.14 -12.20
CA GLU A 204 -20.47 -43.56 -11.84
C GLU A 204 -20.03 -43.82 -10.40
N THR A 205 -18.78 -43.46 -10.05
CA THR A 205 -18.16 -43.71 -8.72
C THR A 205 -18.91 -42.92 -7.64
N VAL A 206 -19.13 -41.62 -7.86
CA VAL A 206 -19.85 -40.71 -6.92
C VAL A 206 -21.25 -41.26 -6.65
N GLU A 207 -22.00 -41.61 -7.71
CA GLU A 207 -23.38 -42.13 -7.60
C GLU A 207 -23.35 -43.46 -6.81
N LYS A 208 -22.32 -44.27 -7.06
CA LYS A 208 -22.12 -45.56 -6.34
C LYS A 208 -22.00 -45.28 -4.82
N PHE A 209 -21.23 -44.28 -4.40
CA PHE A 209 -20.97 -44.00 -2.97
C PHE A 209 -22.21 -43.34 -2.33
N ILE A 210 -22.96 -42.55 -3.08
CA ILE A 210 -24.26 -41.96 -2.62
C ILE A 210 -25.25 -43.10 -2.33
N SER A 211 -25.27 -44.14 -3.18
CA SER A 211 -26.05 -45.39 -3.03
C SER A 211 -25.86 -46.01 -1.65
N GLU A 212 -24.60 -46.07 -1.20
CA GLU A 212 -24.15 -46.87 -0.03
C GLU A 212 -24.14 -46.04 1.24
N ALA A 213 -24.43 -44.73 1.16
CA ALA A 213 -24.30 -43.77 2.28
C ALA A 213 -25.60 -43.71 3.09
N SER A 214 -25.46 -43.61 4.41
CA SER A 214 -26.56 -43.52 5.40
C SER A 214 -26.77 -42.07 5.83
N ASN A 215 -25.68 -41.31 5.95
CA ASN A 215 -25.69 -39.91 6.46
C ASN A 215 -24.75 -39.04 5.63
N PRO A 216 -25.01 -38.84 4.31
CA PRO A 216 -24.17 -37.97 3.50
C PRO A 216 -24.47 -36.47 3.76
N VAL A 217 -23.46 -35.62 3.61
CA VAL A 217 -23.58 -34.14 3.70
C VAL A 217 -22.94 -33.52 2.48
N ILE A 218 -23.43 -32.34 2.06
CA ILE A 218 -22.79 -31.47 1.03
C ILE A 218 -22.04 -30.35 1.76
N LEU A 219 -20.79 -30.08 1.36
CA LEU A 219 -19.98 -28.95 1.88
C LEU A 219 -19.54 -28.05 0.72
N VAL A 220 -19.99 -26.80 0.68
CA VAL A 220 -19.70 -25.86 -0.44
C VAL A 220 -18.66 -24.84 0.00
N ASP A 221 -17.61 -24.66 -0.80
CA ASP A 221 -16.54 -23.67 -0.54
C ASP A 221 -16.53 -22.63 -1.68
N ALA A 222 -15.66 -21.63 -1.55
CA ALA A 222 -15.65 -20.38 -2.35
C ALA A 222 -15.49 -20.67 -3.86
N CYS A 223 -14.77 -21.73 -4.27
CA CYS A 223 -14.48 -21.99 -5.71
C CYS A 223 -15.79 -22.31 -6.45
N ALA A 224 -16.82 -22.80 -5.74
CA ALA A 224 -18.19 -23.01 -6.27
C ALA A 224 -18.80 -21.67 -6.72
N ILE A 225 -18.44 -20.57 -6.07
CA ILE A 225 -18.86 -19.18 -6.41
C ILE A 225 -18.10 -18.72 -7.64
N ARG A 226 -16.76 -18.78 -7.60
CA ARG A 226 -15.87 -18.24 -8.66
C ARG A 226 -16.17 -18.93 -10.00
N HIS A 227 -16.52 -20.22 -10.00
CA HIS A 227 -16.69 -21.04 -11.24
C HIS A 227 -18.19 -21.25 -11.52
N ASN A 228 -19.06 -20.43 -10.94
CA ASN A 228 -20.47 -20.27 -11.39
C ASN A 228 -21.18 -21.62 -11.30
N CYS A 229 -21.23 -22.21 -10.10
CA CYS A 229 -21.85 -23.53 -9.82
C CYS A 229 -22.97 -23.40 -8.75
N LEU A 230 -23.43 -22.18 -8.45
CA LEU A 230 -24.39 -21.92 -7.35
C LEU A 230 -25.78 -22.50 -7.71
N LYS A 231 -26.20 -22.40 -8.98
CA LYS A 231 -27.43 -23.01 -9.52
C LYS A 231 -27.32 -24.55 -9.39
N GLU A 232 -26.19 -25.11 -9.82
CA GLU A 232 -25.88 -26.56 -9.78
C GLU A 232 -25.94 -27.08 -8.33
N VAL A 233 -25.31 -26.34 -7.40
CA VAL A 233 -25.30 -26.65 -5.94
C VAL A 233 -26.74 -26.68 -5.40
N ALA A 234 -27.57 -25.70 -5.76
CA ALA A 234 -28.99 -25.58 -5.32
C ALA A 234 -29.79 -26.78 -5.85
N GLU A 235 -29.56 -27.16 -7.11
CA GLU A 235 -30.20 -28.35 -7.74
C GLU A 235 -29.75 -29.62 -7.00
N LEU A 236 -28.49 -29.71 -6.59
CA LEU A 236 -27.95 -30.91 -5.90
C LEU A 236 -28.64 -31.04 -4.54
N ILE A 237 -28.87 -29.92 -3.84
CA ILE A 237 -29.60 -29.91 -2.55
C ILE A 237 -31.04 -30.38 -2.81
N ALA A 238 -31.66 -29.83 -3.87
CA ALA A 238 -33.05 -30.15 -4.27
C ALA A 238 -33.18 -31.66 -4.52
N GLU A 239 -32.27 -32.21 -5.34
CA GLU A 239 -32.35 -33.58 -5.90
C GLU A 239 -32.04 -34.63 -4.84
N THR A 240 -31.13 -34.35 -3.90
CA THR A 240 -30.66 -35.34 -2.89
C THR A 240 -31.40 -35.15 -1.57
N GLN A 241 -31.81 -33.91 -1.27
CA GLN A 241 -32.38 -33.49 0.06
C GLN A 241 -31.36 -33.80 1.15
N PHE A 242 -30.06 -33.78 0.83
CA PHE A 242 -28.95 -33.95 1.80
C PHE A 242 -28.78 -32.65 2.59
N PRO A 243 -28.40 -32.73 3.88
CA PRO A 243 -28.00 -31.53 4.62
C PRO A 243 -26.84 -30.85 3.88
N VAL A 244 -26.87 -29.52 3.76
CA VAL A 244 -25.80 -28.74 3.08
C VAL A 244 -25.21 -27.74 4.09
N PHE A 245 -23.90 -27.51 4.00
CA PHE A 245 -23.13 -26.55 4.83
C PHE A 245 -22.18 -25.77 3.93
N THR A 246 -21.72 -24.60 4.38
CA THR A 246 -20.62 -23.82 3.74
C THR A 246 -19.42 -23.69 4.68
N THR A 247 -18.30 -23.29 4.09
CA THR A 247 -17.10 -22.76 4.76
C THR A 247 -17.34 -21.27 5.02
N PRO A 248 -16.54 -20.60 5.88
CA PRO A 248 -16.65 -19.15 6.05
C PRO A 248 -16.33 -18.38 4.76
N MET A 249 -15.36 -18.87 3.99
CA MET A 249 -14.95 -18.26 2.71
C MET A 249 -16.03 -18.48 1.65
N GLY A 250 -16.85 -19.52 1.82
CA GLY A 250 -17.93 -19.89 0.90
C GLY A 250 -19.29 -19.41 1.36
N LYS A 251 -19.39 -18.84 2.57
CA LYS A 251 -20.69 -18.37 3.12
C LYS A 251 -21.37 -17.48 2.09
N SER A 252 -22.65 -17.77 1.79
CA SER A 252 -23.51 -17.08 0.79
C SER A 252 -23.52 -17.87 -0.53
N SER A 253 -22.67 -18.89 -0.66
CA SER A 253 -22.71 -19.87 -1.80
C SER A 253 -24.04 -20.61 -1.77
N VAL A 254 -24.56 -20.87 -0.57
CA VAL A 254 -25.88 -21.54 -0.36
C VAL A 254 -26.83 -20.52 0.28
N ASP A 255 -28.04 -20.42 -0.28
CA ASP A 255 -29.20 -19.70 0.29
C ASP A 255 -29.45 -20.25 1.69
N GLU A 256 -29.25 -19.42 2.73
CA GLU A 256 -29.36 -19.85 4.15
C GLU A 256 -30.84 -19.93 4.56
N SER A 257 -31.75 -19.53 3.67
CA SER A 257 -33.22 -19.73 3.78
C SER A 257 -33.60 -21.18 3.52
N ASN A 258 -32.79 -21.90 2.72
CA ASN A 258 -33.05 -23.32 2.36
C ASN A 258 -33.17 -24.11 3.65
N PRO A 259 -34.28 -24.84 3.89
CA PRO A 259 -34.46 -25.59 5.14
C PRO A 259 -33.41 -26.70 5.33
N ARG A 260 -32.72 -27.12 4.27
CA ARG A 260 -31.67 -28.18 4.30
C ARG A 260 -30.31 -27.59 4.68
N PHE A 261 -30.16 -26.26 4.72
CA PHE A 261 -28.90 -25.56 5.10
C PHE A 261 -28.68 -25.73 6.61
N GLY A 262 -27.53 -26.26 7.00
CA GLY A 262 -27.22 -26.64 8.40
C GLY A 262 -26.26 -25.69 9.07
N GLY A 263 -25.78 -24.65 8.37
CA GLY A 263 -24.87 -23.62 8.91
C GLY A 263 -23.47 -23.70 8.31
N VAL A 264 -22.50 -23.10 8.99
CA VAL A 264 -21.12 -22.83 8.48
C VAL A 264 -20.14 -23.74 9.22
N TYR A 265 -19.48 -24.66 8.51
CA TYR A 265 -18.49 -25.61 9.06
C TYR A 265 -17.13 -24.93 9.15
N VAL A 266 -16.52 -24.95 10.34
CA VAL A 266 -15.21 -24.29 10.65
C VAL A 266 -14.38 -25.25 11.53
N GLY A 267 -14.38 -26.56 11.24
CA GLY A 267 -13.71 -27.58 12.06
C GLY A 267 -14.15 -27.51 13.51
N SER A 268 -13.19 -27.33 14.44
CA SER A 268 -13.39 -27.25 15.91
C SER A 268 -14.05 -25.93 16.33
N LEU A 269 -14.06 -24.92 15.45
CA LEU A 269 -14.59 -23.55 15.74
C LEU A 269 -16.07 -23.46 15.35
N SER A 270 -16.67 -24.56 14.90
CA SER A 270 -18.10 -24.64 14.55
C SER A 270 -18.93 -24.74 15.84
N SER A 271 -20.12 -24.13 15.87
CA SER A 271 -21.16 -24.37 16.91
C SER A 271 -21.34 -25.88 17.03
N PRO A 272 -21.27 -26.46 18.25
CA PRO A 272 -21.11 -27.92 18.41
C PRO A 272 -22.04 -28.77 17.54
N ASP A 273 -23.25 -28.27 17.26
CA ASP A 273 -24.29 -28.97 16.44
C ASP A 273 -23.74 -29.20 15.04
N VAL A 274 -23.12 -28.18 14.45
CA VAL A 274 -22.50 -28.21 13.09
C VAL A 274 -21.35 -29.22 13.11
N LYS A 275 -20.46 -29.14 14.10
CA LYS A 275 -19.32 -30.07 14.26
C LYS A 275 -19.83 -31.52 14.19
N GLU A 276 -20.89 -31.83 14.92
CA GLU A 276 -21.49 -33.20 15.01
C GLU A 276 -22.11 -33.61 13.66
N ALA A 277 -22.97 -32.75 13.08
CA ALA A 277 -23.75 -33.02 11.84
C ALA A 277 -22.80 -33.33 10.67
N VAL A 278 -21.71 -32.57 10.56
CA VAL A 278 -20.70 -32.71 9.48
C VAL A 278 -19.83 -33.94 9.76
N GLU A 279 -19.22 -34.02 10.94
CA GLU A 279 -18.14 -34.99 11.27
C GLU A 279 -18.73 -36.39 11.52
N SER A 280 -20.03 -36.51 11.79
CA SER A 280 -20.76 -37.81 11.91
C SER A 280 -21.13 -38.39 10.54
N ALA A 281 -21.06 -37.58 9.47
CA ALA A 281 -21.37 -38.01 8.08
C ALA A 281 -20.46 -39.17 7.66
N ASP A 282 -20.99 -40.15 6.93
CA ASP A 282 -20.24 -41.29 6.34
C ASP A 282 -19.83 -40.95 4.91
N LEU A 283 -20.28 -39.80 4.36
CA LEU A 283 -19.97 -39.35 2.97
C LEU A 283 -20.03 -37.81 2.91
N VAL A 284 -18.95 -37.17 2.45
CA VAL A 284 -18.89 -35.69 2.26
C VAL A 284 -18.77 -35.41 0.75
N LEU A 285 -19.80 -34.78 0.18
CA LEU A 285 -19.80 -34.26 -1.21
C LEU A 285 -19.33 -32.80 -1.14
N SER A 286 -18.02 -32.58 -1.18
CA SER A 286 -17.39 -31.24 -1.17
C SER A 286 -17.46 -30.63 -2.58
N VAL A 287 -17.92 -29.37 -2.68
CA VAL A 287 -17.97 -28.63 -3.97
C VAL A 287 -17.10 -27.37 -3.84
N GLY A 288 -15.94 -27.40 -4.50
CA GLY A 288 -15.10 -26.21 -4.71
C GLY A 288 -14.20 -25.90 -3.53
N ALA A 289 -13.79 -26.90 -2.74
CA ALA A 289 -12.80 -26.76 -1.65
C ALA A 289 -11.56 -26.01 -2.21
N MET A 290 -10.91 -25.16 -1.41
CA MET A 290 -9.73 -24.36 -1.85
C MET A 290 -8.43 -25.05 -1.43
N LEU A 291 -8.51 -26.00 -0.48
CA LEU A 291 -7.41 -26.91 -0.05
C LEU A 291 -6.19 -26.08 0.41
N THR A 305 -13.86 -38.16 8.82
CA THR A 305 -13.84 -39.44 8.04
C THR A 305 -13.30 -39.21 6.63
N ARG A 306 -13.06 -40.29 5.89
CA ARG A 306 -12.20 -40.35 4.68
C ARG A 306 -13.02 -40.63 3.40
N ASN A 307 -14.31 -40.98 3.53
CA ASN A 307 -15.22 -41.13 2.37
C ASN A 307 -15.59 -39.71 1.88
N VAL A 308 -14.72 -39.12 1.06
CA VAL A 308 -14.83 -37.71 0.60
C VAL A 308 -14.83 -37.67 -0.93
N VAL A 309 -15.75 -36.88 -1.50
CA VAL A 309 -15.74 -36.43 -2.91
C VAL A 309 -15.52 -34.92 -2.92
N GLU A 310 -14.48 -34.45 -3.63
CA GLU A 310 -14.18 -33.01 -3.83
C GLU A 310 -14.21 -32.70 -5.31
N PHE A 311 -15.21 -31.94 -5.78
CA PHE A 311 -15.21 -31.31 -7.12
C PHE A 311 -14.41 -30.01 -7.02
N HIS A 312 -13.32 -29.91 -7.79
CA HIS A 312 -12.49 -28.70 -7.93
C HIS A 312 -12.62 -28.17 -9.35
N SER A 313 -12.09 -26.98 -9.61
CA SER A 313 -12.15 -26.31 -10.94
C SER A 313 -11.58 -27.25 -12.00
N ASP A 314 -10.41 -27.83 -11.70
CA ASP A 314 -9.45 -28.50 -12.62
C ASP A 314 -9.59 -30.02 -12.62
N TYR A 315 -10.10 -30.60 -11.54
CA TYR A 315 -9.98 -32.04 -11.25
C TYR A 315 -11.04 -32.45 -10.23
N THR A 316 -11.23 -33.76 -10.05
CA THR A 316 -12.12 -34.35 -9.02
C THR A 316 -11.33 -35.39 -8.21
N LYS A 317 -11.36 -35.23 -6.88
CA LYS A 317 -10.80 -36.20 -5.91
C LYS A 317 -11.94 -37.06 -5.37
N ILE A 318 -11.79 -38.38 -5.41
CA ILE A 318 -12.72 -39.38 -4.82
C ILE A 318 -11.88 -40.30 -3.95
N ARG A 319 -11.91 -40.09 -2.63
CA ARG A 319 -11.04 -40.81 -1.66
C ARG A 319 -9.58 -40.48 -2.00
N GLN A 320 -8.75 -41.51 -2.24
CA GLN A 320 -7.28 -41.37 -2.43
C GLN A 320 -6.95 -41.15 -3.92
N ALA A 321 -7.96 -41.09 -4.79
CA ALA A 321 -7.82 -41.02 -6.26
C ALA A 321 -8.06 -39.59 -6.73
N THR A 322 -7.16 -39.05 -7.57
CA THR A 322 -7.34 -37.77 -8.31
C THR A 322 -7.72 -38.10 -9.76
N PHE A 323 -8.82 -37.54 -10.26
CA PHE A 323 -9.21 -37.57 -11.69
C PHE A 323 -8.81 -36.25 -12.35
N PRO A 324 -7.60 -36.13 -12.95
CA PRO A 324 -7.16 -34.85 -13.51
C PRO A 324 -8.06 -34.42 -14.68
N GLY A 325 -8.34 -33.12 -14.77
CA GLY A 325 -8.99 -32.50 -15.94
C GLY A 325 -10.51 -32.45 -15.86
N VAL A 326 -11.15 -33.11 -14.89
CA VAL A 326 -12.64 -33.18 -14.77
C VAL A 326 -13.13 -31.89 -14.08
N GLN A 327 -13.52 -30.90 -14.89
CA GLN A 327 -13.94 -29.53 -14.48
C GLN A 327 -15.31 -29.60 -13.79
N MET A 328 -15.54 -28.78 -12.76
CA MET A 328 -16.64 -29.03 -11.78
C MET A 328 -18.03 -28.69 -12.34
N LYS A 329 -18.17 -27.63 -13.14
CA LYS A 329 -19.51 -27.15 -13.58
C LYS A 329 -20.21 -28.25 -14.39
N GLU A 330 -19.59 -28.68 -15.50
CA GLU A 330 -20.14 -29.72 -16.41
C GLU A 330 -20.35 -31.04 -15.64
N ALA A 331 -19.37 -31.45 -14.83
CA ALA A 331 -19.42 -32.67 -14.00
C ALA A 331 -20.70 -32.65 -13.15
N LEU A 332 -20.91 -31.57 -12.39
CA LEU A 332 -22.14 -31.37 -11.57
C LEU A 332 -23.39 -31.41 -12.45
N GLN A 333 -23.41 -30.66 -13.55
CA GLN A 333 -24.57 -30.65 -14.50
C GLN A 333 -24.93 -32.09 -14.90
N VAL A 334 -23.93 -32.90 -15.26
CA VAL A 334 -24.15 -34.31 -15.72
C VAL A 334 -24.56 -35.17 -14.51
N LEU A 335 -23.97 -34.92 -13.33
CA LEU A 335 -24.31 -35.65 -12.08
C LEU A 335 -25.81 -35.44 -11.78
N LEU A 336 -26.32 -34.22 -11.95
CA LEU A 336 -27.69 -33.81 -11.54
C LEU A 336 -28.77 -34.54 -12.36
N LYS A 337 -28.45 -35.01 -13.57
CA LYS A 337 -29.41 -35.72 -14.46
C LYS A 337 -29.86 -37.05 -13.82
N THR A 338 -29.00 -37.70 -13.03
CA THR A 338 -29.24 -39.07 -12.50
C THR A 338 -28.96 -39.19 -11.00
N VAL A 339 -28.53 -38.12 -10.31
CA VAL A 339 -28.08 -38.22 -8.90
C VAL A 339 -29.27 -38.61 -8.00
N LYS A 340 -30.49 -38.13 -8.28
CA LYS A 340 -31.67 -38.34 -7.40
C LYS A 340 -31.95 -39.84 -7.29
N LYS A 341 -31.80 -40.57 -8.41
CA LYS A 341 -32.17 -42.00 -8.54
C LYS A 341 -31.05 -42.90 -8.00
N SER A 342 -29.93 -42.31 -7.57
CA SER A 342 -28.80 -43.01 -6.90
C SER A 342 -28.89 -42.85 -5.38
N VAL A 343 -29.78 -41.96 -4.89
CA VAL A 343 -30.05 -41.81 -3.44
C VAL A 343 -30.68 -43.13 -2.96
N ASN A 344 -30.25 -43.64 -1.81
CA ASN A 344 -30.88 -44.80 -1.13
C ASN A 344 -32.40 -44.55 -1.08
N PRO A 345 -33.26 -45.46 -1.57
CA PRO A 345 -34.71 -45.25 -1.47
C PRO A 345 -35.17 -45.16 0.00
N LYS A 346 -34.48 -45.86 0.91
CA LYS A 346 -34.81 -45.94 2.35
C LYS A 346 -34.29 -44.71 3.13
N TYR A 347 -33.48 -43.83 2.52
CA TYR A 347 -32.88 -42.64 3.17
C TYR A 347 -33.97 -41.62 3.53
N VAL A 348 -33.95 -41.15 4.79
CA VAL A 348 -34.83 -40.07 5.31
C VAL A 348 -33.99 -38.80 5.39
N PRO A 349 -34.40 -37.69 4.74
CA PRO A 349 -33.74 -36.39 4.94
C PRO A 349 -33.40 -36.15 6.42
N ALA A 350 -32.09 -36.08 6.71
CA ALA A 350 -31.51 -35.93 8.07
C ALA A 350 -31.89 -34.57 8.65
N PRO A 351 -32.26 -34.48 9.96
CA PRO A 351 -32.48 -33.18 10.60
C PRO A 351 -31.18 -32.34 10.57
N VAL A 352 -31.33 -31.01 10.47
CA VAL A 352 -30.19 -30.06 10.41
C VAL A 352 -30.16 -29.25 11.71
N PRO A 353 -28.96 -28.84 12.17
CA PRO A 353 -28.83 -27.88 13.27
C PRO A 353 -29.82 -26.71 13.17
N ALA A 354 -30.56 -26.48 14.25
CA ALA A 354 -31.42 -25.30 14.47
C ALA A 354 -30.58 -24.24 15.17
N THR A 355 -30.78 -22.97 14.84
CA THR A 355 -30.10 -21.81 15.49
C THR A 355 -30.55 -21.77 16.96
N LYS A 356 -29.61 -22.03 17.88
CA LYS A 356 -29.86 -22.19 19.35
C LYS A 356 -29.93 -20.82 20.02
N ALA A 357 -31.10 -20.47 20.58
CA ALA A 357 -31.44 -19.16 21.20
C ALA A 357 -30.32 -18.66 22.14
N ILE A 358 -30.16 -17.33 22.28
CA ILE A 358 -29.20 -16.68 23.22
C ILE A 358 -29.96 -15.93 24.32
N THR A 360 -31.90 -12.56 24.95
CA THR A 360 -32.66 -11.29 25.11
C THR A 360 -32.13 -10.50 26.30
N PRO A 361 -31.08 -9.66 26.11
CA PRO A 361 -30.66 -8.72 27.15
C PRO A 361 -31.65 -7.55 27.26
N GLY A 362 -31.52 -6.78 28.34
CA GLY A 362 -32.32 -5.57 28.59
C GLY A 362 -31.92 -4.44 27.65
N ASN A 363 -32.87 -3.55 27.37
CA ASN A 363 -32.70 -2.34 26.52
C ASN A 363 -31.41 -1.59 26.86
N ASN A 364 -31.16 -1.36 28.15
CA ASN A 364 -30.10 -0.45 28.66
C ASN A 364 -28.79 -1.23 28.90
N ASP A 365 -28.79 -2.54 28.66
CA ASP A 365 -27.56 -3.36 28.74
C ASP A 365 -26.62 -2.89 27.62
N PRO A 366 -25.29 -2.86 27.86
CA PRO A 366 -24.34 -2.55 26.79
C PRO A 366 -24.47 -3.61 25.68
N VAL A 367 -24.34 -3.18 24.43
CA VAL A 367 -24.34 -4.05 23.22
C VAL A 367 -23.12 -4.99 23.31
N SER A 368 -23.29 -6.24 22.90
CA SER A 368 -22.24 -7.29 22.93
C SER A 368 -22.01 -7.82 21.51
N GLN A 369 -20.90 -8.53 21.30
CA GLN A 369 -20.59 -9.26 20.05
C GLN A 369 -21.67 -10.32 19.84
N GLU A 370 -21.94 -11.15 20.85
CA GLU A 370 -22.93 -12.25 20.78
C GLU A 370 -24.27 -11.71 20.28
N TYR A 371 -24.77 -10.63 20.90
CA TYR A 371 -26.11 -10.07 20.59
C TYR A 371 -26.09 -9.51 19.16
N LEU A 372 -25.10 -8.70 18.82
CA LEU A 372 -24.96 -8.03 17.51
C LEU A 372 -25.08 -9.04 16.35
N TRP A 373 -24.35 -10.16 16.41
CA TRP A 373 -24.22 -11.08 15.24
C TRP A 373 -25.50 -11.92 15.09
N ARG A 374 -26.18 -12.20 16.20
CA ARG A 374 -27.52 -12.83 16.20
C ARG A 374 -28.51 -11.82 15.58
N LYS A 375 -28.52 -10.60 16.09
CA LYS A 375 -29.62 -9.62 15.85
C LYS A 375 -29.58 -9.08 14.41
N VAL A 376 -28.40 -8.93 13.80
CA VAL A 376 -28.26 -8.34 12.42
C VAL A 376 -28.98 -9.24 11.42
N SER A 377 -29.07 -10.55 11.69
CA SER A 377 -29.80 -11.53 10.83
C SER A 377 -31.18 -10.96 10.48
N ASP A 378 -31.86 -10.34 11.46
CA ASP A 378 -33.24 -9.82 11.34
C ASP A 378 -33.29 -8.56 10.46
N TRP A 379 -32.16 -7.89 10.27
CA TRP A 379 -32.09 -6.57 9.56
C TRP A 379 -31.78 -6.77 8.07
N PHE A 380 -31.07 -7.84 7.70
CA PHE A 380 -30.62 -8.10 6.31
C PHE A 380 -31.85 -8.31 5.42
N GLN A 381 -31.68 -8.09 4.11
CA GLN A 381 -32.76 -8.24 3.08
C GLN A 381 -32.19 -8.88 1.82
N GLU A 382 -33.04 -9.58 1.06
CA GLU A 382 -32.71 -10.20 -0.26
C GLU A 382 -31.70 -9.32 -0.99
N GLY A 383 -30.58 -9.90 -1.44
CA GLY A 383 -29.62 -9.27 -2.36
C GLY A 383 -28.58 -8.40 -1.64
N ASP A 384 -28.54 -8.40 -0.31
CA ASP A 384 -27.55 -7.59 0.46
C ASP A 384 -26.14 -8.10 0.15
N VAL A 385 -25.23 -7.18 -0.19
CA VAL A 385 -23.76 -7.45 -0.21
C VAL A 385 -23.27 -7.22 1.22
N ILE A 386 -22.73 -8.26 1.87
CA ILE A 386 -22.36 -8.24 3.31
C ILE A 386 -20.87 -8.53 3.44
N ILE A 387 -20.09 -7.49 3.74
CA ILE A 387 -18.61 -7.48 3.75
C ILE A 387 -18.14 -7.44 5.21
N SER A 388 -17.24 -8.35 5.59
CA SER A 388 -16.75 -8.50 6.99
C SER A 388 -15.21 -8.49 6.98
N GLU A 389 -14.62 -7.54 7.70
CA GLU A 389 -13.15 -7.41 7.81
C GLU A 389 -12.60 -8.49 8.75
N THR A 390 -11.38 -8.95 8.45
CA THR A 390 -10.52 -9.78 9.34
C THR A 390 -10.47 -9.10 10.71
N GLY A 391 -10.69 -9.86 11.79
CA GLY A 391 -10.95 -9.35 13.15
C GLY A 391 -12.24 -9.94 13.70
N THR A 392 -12.81 -9.34 14.76
CA THR A 392 -14.05 -9.85 15.41
C THR A 392 -15.14 -9.97 14.34
N SER A 393 -15.22 -8.99 13.44
CA SER A 393 -16.27 -8.90 12.39
C SER A 393 -16.34 -10.21 11.59
N ALA A 394 -15.22 -10.66 11.01
CA ALA A 394 -15.19 -11.84 10.11
C ALA A 394 -15.62 -13.08 10.88
N PHE A 395 -15.18 -13.21 12.13
CA PHE A 395 -15.52 -14.34 13.03
C PHE A 395 -16.99 -14.26 13.43
N GLY A 396 -17.48 -13.05 13.70
CA GLY A 396 -18.87 -12.78 14.11
C GLY A 396 -19.87 -13.12 13.03
N ILE A 397 -19.67 -12.62 11.81
CA ILE A 397 -20.64 -12.71 10.68
C ILE A 397 -20.93 -14.17 10.34
N VAL A 398 -19.99 -15.08 10.61
CA VAL A 398 -20.15 -16.55 10.43
C VAL A 398 -21.44 -17.01 11.11
N GLN A 399 -21.71 -16.52 12.32
CA GLN A 399 -22.83 -16.95 13.21
C GLN A 399 -24.14 -16.27 12.73
N SER A 400 -24.05 -15.16 12.00
CA SER A 400 -25.17 -14.39 11.42
C SER A 400 -25.84 -15.20 10.30
N LYS A 401 -27.13 -14.97 10.06
CA LYS A 401 -27.92 -15.66 9.00
C LYS A 401 -28.15 -14.71 7.82
N PHE A 402 -27.68 -15.08 6.65
CA PHE A 402 -27.75 -14.24 5.43
C PHE A 402 -29.10 -14.44 4.77
N PRO A 403 -29.62 -13.42 4.05
CA PRO A 403 -30.86 -13.57 3.28
C PRO A 403 -30.62 -14.29 1.94
N LYS A 404 -31.69 -14.60 1.22
CA LYS A 404 -31.65 -15.14 -0.17
C LYS A 404 -30.87 -14.14 -1.05
N ASN A 405 -29.93 -14.64 -1.86
CA ASN A 405 -29.13 -13.88 -2.87
C ASN A 405 -28.20 -12.88 -2.19
N ALA A 406 -27.87 -13.09 -0.91
CA ALA A 406 -26.78 -12.38 -0.21
C ALA A 406 -25.47 -12.64 -0.95
N ILE A 407 -24.62 -11.62 -1.08
CA ILE A 407 -23.22 -11.76 -1.58
C ILE A 407 -22.28 -11.53 -0.39
N GLY A 408 -21.66 -12.60 0.10
CA GLY A 408 -20.73 -12.56 1.26
C GLY A 408 -19.32 -12.24 0.80
N ILE A 409 -18.66 -11.28 1.42
CA ILE A 409 -17.22 -10.98 1.15
C ILE A 409 -16.46 -10.97 2.47
N SER A 410 -15.57 -11.93 2.67
CA SER A 410 -14.68 -12.05 3.85
C SER A 410 -13.36 -12.65 3.38
N GLN A 411 -12.27 -11.90 3.48
CA GLN A 411 -10.93 -12.30 2.94
C GLN A 411 -10.27 -13.27 3.93
N VAL A 412 -10.88 -14.44 4.10
CA VAL A 412 -10.54 -15.46 5.16
C VAL A 412 -9.12 -15.98 4.94
N LEU A 413 -8.75 -16.30 3.69
CA LEU A 413 -7.46 -16.94 3.33
C LEU A 413 -6.32 -15.91 3.43
N TRP A 414 -6.35 -14.83 2.64
CA TRP A 414 -5.27 -13.81 2.60
C TRP A 414 -5.21 -13.03 3.92
N GLY A 415 -6.37 -12.57 4.42
CA GLY A 415 -6.55 -11.95 5.75
C GLY A 415 -5.75 -10.67 5.91
N SER A 416 -5.85 -9.74 4.96
CA SER A 416 -5.19 -8.40 5.01
C SER A 416 -6.18 -7.37 5.54
N ILE A 417 -5.98 -6.89 6.77
CA ILE A 417 -6.86 -5.86 7.38
C ILE A 417 -6.73 -4.60 6.51
N GLY A 418 -7.82 -3.83 6.40
CA GLY A 418 -7.92 -2.68 5.50
C GLY A 418 -8.69 -3.05 4.24
N TYR A 419 -8.48 -4.26 3.71
CA TYR A 419 -9.15 -4.82 2.50
C TYR A 419 -10.64 -4.43 2.46
N ALA A 420 -11.38 -4.67 3.54
CA ALA A 420 -12.86 -4.65 3.56
C ALA A 420 -13.38 -3.26 3.15
N THR A 421 -12.72 -2.19 3.62
CA THR A 421 -13.12 -0.79 3.37
C THR A 421 -12.86 -0.43 1.90
N GLY A 422 -11.72 -0.83 1.35
CA GLY A 422 -11.45 -0.69 -0.10
C GLY A 422 -12.46 -1.46 -0.94
N ALA A 423 -12.70 -2.74 -0.61
CA ALA A 423 -13.62 -3.65 -1.32
C ALA A 423 -15.04 -3.07 -1.30
N THR A 424 -15.44 -2.46 -0.18
CA THR A 424 -16.79 -1.86 -0.02
C THR A 424 -17.01 -0.83 -1.13
N CYS A 425 -15.98 -0.04 -1.45
CA CYS A 425 -16.03 0.97 -2.53
C CYS A 425 -16.37 0.29 -3.87
N GLY A 426 -15.63 -0.75 -4.24
CA GLY A 426 -15.86 -1.50 -5.49
C GLY A 426 -17.20 -2.22 -5.47
N ALA A 427 -17.54 -2.89 -4.37
CA ALA A 427 -18.82 -3.62 -4.22
C ALA A 427 -19.99 -2.65 -4.43
N ALA A 428 -19.91 -1.45 -3.83
CA ALA A 428 -20.94 -0.39 -3.90
C ALA A 428 -21.12 0.11 -5.34
N MET A 429 -20.02 0.31 -6.08
CA MET A 429 -20.06 0.82 -7.47
C MET A 429 -20.64 -0.26 -8.41
N ALA A 430 -20.29 -1.54 -8.19
CA ALA A 430 -20.88 -2.69 -8.90
C ALA A 430 -22.39 -2.75 -8.63
N ALA A 431 -22.79 -2.65 -7.36
CA ALA A 431 -24.21 -2.69 -6.92
C ALA A 431 -25.00 -1.59 -7.64
N GLN A 432 -24.41 -0.39 -7.74
CA GLN A 432 -25.00 0.78 -8.46
C GLN A 432 -25.37 0.42 -9.90
N GLU A 433 -24.57 -0.42 -10.55
CA GLU A 433 -24.70 -0.82 -11.99
C GLU A 433 -25.70 -1.98 -12.15
N ILE A 434 -26.00 -2.70 -11.08
CA ILE A 434 -26.94 -3.86 -11.11
C ILE A 434 -28.35 -3.37 -10.72
N ASP A 435 -28.47 -2.58 -9.64
CA ASP A 435 -29.79 -2.32 -8.99
C ASP A 435 -29.61 -1.23 -7.92
N PRO A 436 -30.34 -0.10 -8.01
CA PRO A 436 -30.20 0.98 -7.02
C PRO A 436 -30.70 0.57 -5.62
N LYS A 437 -31.60 -0.43 -5.55
CA LYS A 437 -32.23 -0.93 -4.30
C LYS A 437 -31.28 -1.86 -3.54
N LYS A 438 -30.22 -2.36 -4.19
CA LYS A 438 -29.28 -3.35 -3.61
C LYS A 438 -28.32 -2.65 -2.62
N ARG A 439 -28.39 -3.02 -1.34
CA ARG A 439 -27.59 -2.42 -0.24
C ARG A 439 -26.24 -3.14 -0.12
N VAL A 440 -25.19 -2.39 0.21
CA VAL A 440 -23.80 -2.88 0.43
C VAL A 440 -23.39 -2.51 1.86
N ILE A 441 -23.16 -3.52 2.68
CA ILE A 441 -23.02 -3.42 4.16
C ILE A 441 -21.61 -3.87 4.53
N LEU A 442 -20.89 -3.02 5.28
CA LEU A 442 -19.51 -3.27 5.78
C LEU A 442 -19.53 -3.41 7.31
N PHE A 443 -18.92 -4.48 7.83
CA PHE A 443 -18.47 -4.62 9.24
C PHE A 443 -16.94 -4.60 9.23
N THR A 444 -16.36 -3.46 9.61
CA THR A 444 -14.90 -3.27 9.81
C THR A 444 -14.65 -2.94 11.28
N GLY A 445 -13.52 -3.37 11.82
CA GLY A 445 -13.06 -2.91 13.15
C GLY A 445 -12.61 -1.47 13.09
N ASP A 446 -12.41 -0.85 14.26
CA ASP A 446 -11.82 0.50 14.40
C ASP A 446 -10.39 0.50 13.84
N GLY A 447 -9.62 -0.55 14.10
CA GLY A 447 -8.20 -0.65 13.72
C GLY A 447 -8.00 -0.75 12.22
N SER A 448 -8.71 -1.71 11.59
CA SER A 448 -8.61 -1.98 10.14
C SER A 448 -9.02 -0.74 9.33
N LEU A 449 -10.06 -0.04 9.78
CA LEU A 449 -10.59 1.19 9.11
C LEU A 449 -9.44 2.16 8.81
N GLN A 450 -8.50 2.32 9.76
CA GLN A 450 -7.40 3.32 9.68
C GLN A 450 -6.53 3.06 8.46
N LEU A 451 -6.34 1.79 8.09
CA LEU A 451 -5.37 1.38 7.05
C LEU A 451 -5.85 1.81 5.65
N THR A 452 -7.16 1.98 5.43
CA THR A 452 -7.74 2.18 4.07
C THR A 452 -8.89 3.20 4.11
N VAL A 453 -8.87 4.11 5.09
CA VAL A 453 -9.98 5.06 5.43
C VAL A 453 -10.30 5.98 4.24
N GLN A 454 -9.31 6.34 3.43
CA GLN A 454 -9.48 7.41 2.42
C GLN A 454 -10.35 6.91 1.27
N GLU A 455 -10.71 5.63 1.20
CA GLU A 455 -11.50 5.12 0.05
C GLU A 455 -13.00 5.41 0.27
N ILE A 456 -13.37 5.79 1.50
CA ILE A 456 -14.71 6.34 1.82
C ILE A 456 -14.90 7.64 1.01
N SER A 457 -13.82 8.38 0.77
CA SER A 457 -13.79 9.58 -0.12
C SER A 457 -14.42 9.22 -1.46
N THR A 458 -13.93 8.16 -2.10
CA THR A 458 -14.38 7.68 -3.42
C THR A 458 -15.87 7.35 -3.36
N MET A 459 -16.32 6.70 -2.29
CA MET A 459 -17.74 6.36 -2.04
C MET A 459 -18.58 7.63 -2.07
N CYS A 460 -18.11 8.70 -1.43
CA CYS A 460 -18.79 10.03 -1.35
C CYS A 460 -18.76 10.73 -2.71
N LYS A 461 -17.66 10.61 -3.45
CA LYS A 461 -17.50 11.21 -4.80
C LYS A 461 -18.56 10.64 -5.76
N TRP A 462 -18.90 9.35 -5.63
CA TRP A 462 -19.83 8.64 -6.56
C TRP A 462 -21.19 8.40 -5.90
N ASP A 463 -21.51 9.14 -4.85
CA ASP A 463 -22.85 9.14 -4.21
C ASP A 463 -23.27 7.69 -3.98
N CYS A 464 -22.38 6.86 -3.41
CA CYS A 464 -22.66 5.45 -3.02
C CYS A 464 -23.64 5.45 -1.84
N TYR A 465 -24.91 5.78 -2.15
CA TYR A 465 -26.02 5.91 -1.18
C TYR A 465 -26.60 4.52 -0.84
N ASN A 466 -25.95 3.47 -1.35
CA ASN A 466 -26.29 2.05 -1.11
C ASN A 466 -25.46 1.51 0.06
N THR A 467 -24.55 2.32 0.61
CA THR A 467 -23.44 1.85 1.46
C THR A 467 -23.72 2.14 2.94
N TYR A 468 -23.55 1.10 3.77
CA TYR A 468 -23.57 1.15 5.25
C TYR A 468 -22.19 0.77 5.78
N LEU A 469 -21.52 1.70 6.46
CA LEU A 469 -20.19 1.49 7.09
C LEU A 469 -20.38 1.28 8.60
N TYR A 470 -20.57 0.04 9.01
CA TYR A 470 -20.57 -0.33 10.46
C TYR A 470 -19.13 -0.44 10.91
N VAL A 471 -18.75 0.39 11.90
CA VAL A 471 -17.41 0.42 12.55
C VAL A 471 -17.55 -0.09 13.99
N LEU A 472 -16.89 -1.20 14.32
CA LEU A 472 -16.88 -1.79 15.69
C LEU A 472 -15.74 -1.17 16.50
N ASN A 473 -16.05 -0.23 17.39
CA ASN A 473 -15.05 0.48 18.22
C ASN A 473 -14.86 -0.25 19.55
N ASN A 474 -13.78 -1.02 19.66
CA ASN A 474 -13.39 -1.78 20.88
C ASN A 474 -12.00 -1.30 21.34
N ASP A 475 -11.65 -0.05 21.01
CA ASP A 475 -10.43 0.66 21.48
C ASP A 475 -9.17 -0.14 21.10
N GLY A 476 -9.06 -0.59 19.83
CA GLY A 476 -7.82 -1.14 19.27
C GLY A 476 -7.99 -2.50 18.60
N TYR A 477 -6.92 -3.31 18.59
CA TYR A 477 -6.78 -4.57 17.82
C TYR A 477 -7.21 -5.76 18.68
N THR A 478 -8.52 -5.95 18.88
CA THR A 478 -9.11 -6.91 19.87
C THR A 478 -8.75 -8.35 19.51
N ILE A 479 -8.86 -8.75 18.24
CA ILE A 479 -8.52 -10.14 17.80
C ILE A 479 -7.07 -10.45 18.17
N GLU A 480 -6.16 -9.47 18.08
CA GLU A 480 -4.73 -9.66 18.45
C GLU A 480 -4.61 -9.74 19.97
N ARG A 481 -5.29 -8.85 20.70
CA ARG A 481 -5.29 -8.85 22.20
C ARG A 481 -5.63 -10.24 22.73
N LEU A 482 -6.53 -10.97 22.05
CA LEU A 482 -7.04 -12.30 22.50
C LEU A 482 -5.96 -13.38 22.37
N ILE A 483 -5.10 -13.33 21.34
CA ILE A 483 -4.10 -14.41 21.08
C ILE A 483 -2.78 -14.09 21.80
N HIS A 484 -2.34 -12.83 21.83
CA HIS A 484 -1.05 -12.42 22.44
C HIS A 484 -1.00 -10.90 22.69
N GLY A 485 -0.51 -10.47 23.85
CA GLY A 485 -0.25 -9.05 24.18
C GLY A 485 -1.53 -8.28 24.49
N GLU A 486 -2.39 -8.84 25.34
CA GLU A 486 -3.70 -8.23 25.73
C GLU A 486 -3.54 -6.71 25.97
N LYS A 487 -2.51 -6.31 26.72
CA LYS A 487 -2.33 -4.91 27.18
C LYS A 487 -1.11 -4.26 26.51
N ALA A 488 -0.47 -4.94 25.55
CA ALA A 488 0.73 -4.43 24.85
C ALA A 488 0.35 -3.23 23.97
N GLN A 489 1.24 -2.23 23.93
CA GLN A 489 1.02 -0.92 23.27
C GLN A 489 0.85 -1.10 21.76
N TYR A 490 1.41 -2.15 21.15
CA TYR A 490 1.30 -2.42 19.68
C TYR A 490 -0.16 -2.73 19.29
N ASN A 491 -0.98 -3.20 20.24
CA ASN A 491 -2.42 -3.51 20.01
C ASN A 491 -3.29 -2.27 20.23
N ASP A 492 -2.71 -1.16 20.71
CA ASP A 492 -3.40 0.14 20.77
C ASP A 492 -3.49 0.74 19.36
N ILE A 493 -4.50 1.56 19.12
CA ILE A 493 -4.59 2.49 17.95
C ILE A 493 -4.95 3.86 18.51
N GLN A 494 -4.56 4.91 17.78
CA GLN A 494 -5.01 6.30 18.01
C GLN A 494 -6.53 6.33 17.89
N PRO A 495 -7.28 6.75 18.93
CA PRO A 495 -8.72 6.97 18.79
C PRO A 495 -8.99 8.05 17.72
N TRP A 496 -9.91 7.74 16.78
CA TRP A 496 -10.43 8.68 15.75
C TRP A 496 -11.89 9.03 16.10
N ASN A 497 -12.29 10.26 15.81
CA ASN A 497 -13.72 10.68 15.80
C ASN A 497 -14.32 10.16 14.49
N ASN A 498 -14.55 8.85 14.40
CA ASN A 498 -14.76 8.13 13.12
C ASN A 498 -15.96 8.72 12.36
N LEU A 499 -17.01 9.11 13.09
CA LEU A 499 -18.29 9.57 12.51
C LEU A 499 -18.12 10.92 11.80
N GLN A 500 -16.99 11.61 12.03
CA GLN A 500 -16.64 12.86 11.31
C GLN A 500 -16.15 12.56 9.90
N LEU A 501 -15.85 11.30 9.56
CA LEU A 501 -15.21 10.92 8.28
C LEU A 501 -16.12 11.29 7.09
N LEU A 502 -17.39 10.89 7.09
CA LEU A 502 -18.29 11.12 5.92
C LEU A 502 -18.44 12.61 5.66
N PRO A 503 -18.68 13.48 6.68
CA PRO A 503 -18.73 14.92 6.45
C PRO A 503 -17.40 15.55 5.97
N LEU A 504 -16.26 15.07 6.49
CA LEU A 504 -14.91 15.56 6.12
C LEU A 504 -14.66 15.29 4.63
N PHE A 505 -15.13 14.15 4.13
CA PHE A 505 -15.01 13.73 2.71
C PHE A 505 -16.18 14.28 1.87
N ASN A 506 -17.02 15.15 2.45
CA ASN A 506 -18.06 15.96 1.75
C ASN A 506 -19.10 15.05 1.10
N ALA A 507 -19.57 14.04 1.83
CA ALA A 507 -20.82 13.30 1.54
C ALA A 507 -21.93 14.33 1.32
N LYS A 508 -22.58 14.27 0.16
CA LYS A 508 -23.65 15.19 -0.30
C LYS A 508 -24.90 14.96 0.56
N LYS A 509 -25.17 13.70 0.87
CA LYS A 509 -26.35 13.22 1.63
C LYS A 509 -25.89 12.02 2.46
N TYR A 510 -25.87 12.13 3.79
CA TYR A 510 -25.30 11.10 4.69
C TYR A 510 -26.06 11.08 6.02
N GLU A 511 -25.82 10.04 6.81
CA GLU A 511 -26.36 9.88 8.19
C GLU A 511 -25.37 9.08 9.04
N THR A 512 -25.22 9.46 10.31
CA THR A 512 -24.33 8.76 11.28
C THR A 512 -25.14 8.40 12.54
N LYS A 513 -24.78 7.26 13.15
CA LYS A 513 -25.33 6.81 14.46
C LYS A 513 -24.19 6.23 15.29
N ARG A 514 -24.21 6.46 16.60
CA ARG A 514 -23.42 5.70 17.60
C ARG A 514 -24.40 4.79 18.35
N ILE A 515 -24.07 3.50 18.41
CA ILE A 515 -24.87 2.47 19.13
C ILE A 515 -24.02 2.01 20.33
N SER A 516 -24.56 2.15 21.55
CA SER A 516 -23.90 1.73 22.82
C SER A 516 -24.67 0.59 23.50
N THR A 517 -25.98 0.46 23.23
CA THR A 517 -26.91 -0.41 23.99
C THR A 517 -27.71 -1.31 23.06
N VAL A 518 -28.27 -2.37 23.63
CA VAL A 518 -29.21 -3.32 22.97
C VAL A 518 -30.41 -2.54 22.44
N GLY A 519 -30.91 -1.57 23.22
CA GLY A 519 -32.10 -0.76 22.89
C GLY A 519 -31.89 0.07 21.63
N GLU A 520 -30.78 0.80 21.58
CA GLU A 520 -30.34 1.60 20.42
C GLU A 520 -30.21 0.70 19.18
N LEU A 521 -29.59 -0.47 19.32
CA LEU A 521 -29.38 -1.40 18.18
C LEU A 521 -30.74 -1.90 17.66
N ASN A 522 -31.62 -2.36 18.55
CA ASN A 522 -32.98 -2.84 18.20
C ASN A 522 -33.72 -1.74 17.42
N ASP A 523 -33.67 -0.51 17.93
CA ASP A 523 -34.35 0.68 17.35
C ASP A 523 -33.76 0.96 15.95
N LEU A 524 -32.43 0.92 15.81
CA LEU A 524 -31.72 1.15 14.52
C LEU A 524 -32.23 0.14 13.48
N PHE A 525 -32.47 -1.11 13.88
CA PHE A 525 -32.81 -2.22 12.96
C PHE A 525 -34.32 -2.27 12.66
N THR A 526 -35.15 -1.52 13.38
CA THR A 526 -36.61 -1.37 13.06
C THR A 526 -36.89 0.03 12.49
N ASN A 527 -35.86 0.88 12.39
CA ASN A 527 -35.95 2.25 11.80
C ASN A 527 -36.20 2.11 10.28
N LYS A 528 -37.37 2.53 9.81
CA LYS A 528 -37.83 2.30 8.40
C LYS A 528 -37.03 3.17 7.42
N GLU A 529 -36.68 4.40 7.81
CA GLU A 529 -35.90 5.37 6.98
C GLU A 529 -34.47 4.83 6.75
N PHE A 530 -33.83 4.36 7.82
CA PHE A 530 -32.43 3.87 7.86
C PHE A 530 -32.24 2.66 6.94
N ALA A 531 -33.26 1.80 6.80
CA ALA A 531 -33.24 0.58 5.96
C ALA A 531 -33.21 0.95 4.47
N VAL A 532 -33.70 2.15 4.08
CA VAL A 532 -33.78 2.60 2.66
C VAL A 532 -32.42 3.15 2.25
N PRO A 533 -31.78 2.60 1.19
CA PRO A 533 -30.45 3.05 0.77
C PRO A 533 -30.50 4.34 -0.06
N ASP A 534 -30.81 5.46 0.59
CA ASP A 534 -31.03 6.78 -0.07
C ASP A 534 -29.94 7.76 0.38
N ARG A 535 -28.94 7.29 1.15
CA ARG A 535 -27.81 8.12 1.64
C ARG A 535 -26.67 7.21 2.15
N ILE A 536 -25.43 7.69 2.07
CA ILE A 536 -24.24 6.94 2.57
C ILE A 536 -24.21 7.09 4.11
N ARG A 537 -24.08 5.98 4.82
CA ARG A 537 -24.22 5.94 6.29
C ARG A 537 -22.97 5.33 6.92
N MET A 538 -22.61 5.82 8.11
CA MET A 538 -21.64 5.19 9.04
C MET A 538 -22.31 5.02 10.40
N VAL A 539 -22.18 3.83 11.00
CA VAL A 539 -22.67 3.50 12.37
C VAL A 539 -21.46 3.04 13.18
N GLU A 540 -21.15 3.72 14.29
CA GLU A 540 -20.10 3.27 15.24
C GLU A 540 -20.77 2.48 16.37
N ILE A 541 -20.37 1.22 16.56
CA ILE A 541 -20.90 0.31 17.61
C ILE A 541 -19.84 0.19 18.70
N MET A 542 -20.08 0.78 19.88
CA MET A 542 -19.13 0.76 21.03
C MET A 542 -19.22 -0.61 21.71
N LEU A 543 -18.09 -1.32 21.85
CA LEU A 543 -18.01 -2.69 22.41
C LEU A 543 -16.84 -2.76 23.40
N PRO A 544 -16.93 -3.63 24.45
CA PRO A 544 -15.80 -3.84 25.36
C PRO A 544 -14.53 -4.28 24.64
N VAL A 545 -13.37 -3.91 25.20
CA VAL A 545 -12.01 -4.12 24.61
C VAL A 545 -11.81 -5.60 24.28
N MET A 546 -12.31 -6.50 25.13
CA MET A 546 -11.99 -7.95 25.05
C MET A 546 -13.22 -8.78 24.66
N ASP A 547 -14.34 -8.13 24.31
CA ASP A 547 -15.55 -8.85 23.84
C ASP A 547 -15.24 -9.47 22.46
N ALA A 548 -15.73 -10.68 22.22
CA ALA A 548 -15.50 -11.46 20.99
C ALA A 548 -16.63 -12.48 20.81
N PRO A 549 -16.92 -12.88 19.56
CA PRO A 549 -17.85 -13.97 19.29
C PRO A 549 -17.30 -15.31 19.82
N ALA A 550 -18.19 -16.20 20.26
CA ALA A 550 -17.87 -17.52 20.88
C ALA A 550 -16.78 -18.24 20.08
N ASN A 551 -16.92 -18.26 18.74
CA ASN A 551 -16.03 -19.05 17.84
C ASN A 551 -14.60 -18.48 17.91
N LEU A 552 -14.44 -17.16 18.00
CA LEU A 552 -13.10 -16.51 18.12
C LEU A 552 -12.54 -16.75 19.52
N VAL A 553 -13.40 -16.77 20.55
CA VAL A 553 -12.98 -17.04 21.97
C VAL A 553 -12.37 -18.44 22.01
N ALA A 554 -12.98 -19.40 21.30
CA ALA A 554 -12.50 -20.81 21.17
C ALA A 554 -11.11 -20.85 20.55
N GLN A 555 -10.92 -20.30 19.34
CA GLN A 555 -9.61 -20.31 18.62
C GLN A 555 -8.53 -19.64 19.47
N ALA A 556 -8.85 -18.53 20.14
CA ALA A 556 -7.93 -17.80 21.05
C ALA A 556 -7.38 -18.75 22.12
N LYS A 557 -8.28 -19.53 22.76
CA LYS A 557 -7.96 -20.43 23.91
C LYS A 557 -7.08 -21.60 23.44
N GLN A 558 -7.34 -22.16 22.25
CA GLN A 558 -6.59 -23.33 21.71
C GLN A 558 -5.33 -22.86 20.97
N SER A 559 -5.26 -21.60 20.54
CA SER A 559 -4.04 -20.97 19.98
C SER A 559 -2.99 -20.79 21.09
N ALA A 560 -3.43 -20.64 22.35
CA ALA A 560 -2.59 -20.59 23.57
C ALA A 560 -2.14 -22.01 23.96
N ALA A 561 -2.94 -23.05 23.63
CA ALA A 561 -2.56 -24.47 23.79
C ALA A 561 -1.47 -24.85 22.79
N THR A 562 -1.55 -24.34 21.56
CA THR A 562 -0.55 -24.57 20.47
C THR A 562 0.72 -23.74 20.73
N ASN A 563 0.75 -22.91 21.78
CA ASN A 563 1.91 -22.06 22.16
C ASN A 563 2.42 -22.49 23.55
N SER B 2 25.53 -14.87 30.91
CA SER B 2 24.45 -13.81 31.04
C SER B 2 23.92 -13.43 29.64
N GLU B 3 22.63 -13.70 29.39
CA GLU B 3 22.09 -13.86 28.01
C GLU B 3 20.91 -12.91 27.76
N ILE B 4 20.63 -12.65 26.47
CA ILE B 4 19.43 -11.91 25.97
C ILE B 4 18.83 -12.71 24.81
N THR B 5 17.53 -12.50 24.54
CA THR B 5 16.81 -13.06 23.36
C THR B 5 17.36 -12.39 22.11
N LEU B 6 17.39 -13.13 20.98
CA LEU B 6 17.76 -12.57 19.66
C LEU B 6 16.86 -11.36 19.35
N GLY B 7 15.58 -11.47 19.68
CA GLY B 7 14.60 -10.38 19.54
C GLY B 7 15.11 -9.10 20.16
N ARG B 8 15.52 -9.17 21.43
CA ARG B 8 16.03 -8.00 22.19
C ARG B 8 17.35 -7.51 21.57
N PHE B 9 18.25 -8.43 21.23
CA PHE B 9 19.54 -8.14 20.55
C PHE B 9 19.27 -7.18 19.38
N PHE B 10 18.28 -7.50 18.53
CA PHE B 10 17.92 -6.71 17.32
C PHE B 10 17.67 -5.26 17.73
N PHE B 11 16.81 -5.04 18.73
CA PHE B 11 16.40 -3.68 19.18
C PHE B 11 17.55 -3.00 19.89
N GLU B 12 18.40 -3.76 20.61
CA GLU B 12 19.58 -3.19 21.30
C GLU B 12 20.53 -2.59 20.25
N ARG B 13 20.75 -3.28 19.13
CA ARG B 13 21.58 -2.81 17.99
C ARG B 13 21.01 -1.51 17.40
N LEU B 14 19.69 -1.41 17.30
CA LEU B 14 19.02 -0.18 16.79
C LEU B 14 19.32 0.95 17.78
N HIS B 15 19.19 0.68 19.09
CA HIS B 15 19.39 1.71 20.15
C HIS B 15 20.81 2.24 20.07
N GLN B 16 21.77 1.35 19.85
CA GLN B 16 23.22 1.69 19.74
C GLN B 16 23.45 2.64 18.56
N LEU B 17 22.69 2.46 17.47
CA LEU B 17 22.82 3.29 16.24
C LEU B 17 21.80 4.44 16.27
N GLN B 18 21.25 4.76 17.44
CA GLN B 18 20.26 5.85 17.67
C GLN B 18 19.06 5.72 16.73
N VAL B 19 18.67 4.49 16.37
CA VAL B 19 17.39 4.17 15.69
C VAL B 19 16.39 3.82 16.80
N ASP B 20 15.82 4.84 17.44
CA ASP B 20 15.10 4.74 18.74
C ASP B 20 13.59 4.74 18.49
N THR B 21 13.16 4.95 17.24
CA THR B 21 11.77 4.73 16.77
C THR B 21 11.78 3.58 15.75
N VAL B 22 10.81 2.66 15.85
CA VAL B 22 10.62 1.49 14.95
C VAL B 22 9.22 1.60 14.34
N PHE B 23 9.16 1.59 13.01
CA PHE B 23 7.92 1.76 12.21
C PHE B 23 7.36 0.40 11.81
N GLY B 24 6.10 0.37 11.37
CA GLY B 24 5.42 -0.83 10.86
C GLY B 24 4.20 -1.18 11.70
N LEU B 25 3.66 -2.37 11.50
CA LEU B 25 2.41 -2.84 12.14
C LEU B 25 2.58 -4.27 12.63
N PRO B 26 1.85 -4.63 13.71
CA PRO B 26 1.92 -5.97 14.25
C PRO B 26 1.12 -6.92 13.34
N GLY B 27 1.42 -8.21 13.41
CA GLY B 27 0.70 -9.26 12.67
C GLY B 27 1.00 -10.62 13.25
N ASP B 28 0.37 -11.65 12.69
CA ASP B 28 0.39 -13.05 13.20
C ASP B 28 1.83 -13.52 13.51
N PHE B 29 2.86 -13.02 12.82
CA PHE B 29 4.22 -13.62 12.85
C PHE B 29 5.28 -12.64 13.37
N ASN B 30 4.90 -11.59 14.13
CA ASN B 30 5.90 -10.64 14.68
C ASN B 30 5.55 -10.17 16.12
N LEU B 31 4.54 -10.75 16.77
CA LEU B 31 4.07 -10.26 18.10
C LEU B 31 5.15 -10.54 19.15
N ALA B 32 5.71 -11.75 19.18
CA ALA B 32 6.76 -12.14 20.15
C ALA B 32 7.96 -11.20 20.01
N LEU B 33 8.27 -10.73 18.80
CA LEU B 33 9.42 -9.82 18.53
C LEU B 33 9.13 -8.42 19.09
N LEU B 34 7.93 -7.89 18.87
CA LEU B 34 7.56 -6.51 19.27
C LEU B 34 7.59 -6.40 20.80
N ASP B 35 7.27 -7.48 21.52
CA ASP B 35 7.37 -7.55 23.01
C ASP B 35 8.74 -7.03 23.48
N LYS B 36 9.78 -7.18 22.65
CA LYS B 36 11.19 -6.92 23.04
C LYS B 36 11.52 -5.42 22.96
N ILE B 37 10.82 -4.64 22.14
CA ILE B 37 11.08 -3.17 22.06
C ILE B 37 10.95 -2.58 23.47
N TYR B 38 9.98 -3.04 24.26
CA TYR B 38 9.65 -2.51 25.62
C TYR B 38 10.76 -2.83 26.62
N GLU B 39 11.59 -3.83 26.33
CA GLU B 39 12.74 -4.26 27.17
C GLU B 39 13.96 -3.38 26.94
N VAL B 40 13.92 -2.47 25.96
CA VAL B 40 15.09 -1.63 25.55
C VAL B 40 14.75 -0.17 25.83
N ASP B 41 15.36 0.36 26.88
CA ASP B 41 15.25 1.77 27.35
C ASP B 41 15.43 2.72 26.16
N GLY B 42 14.52 3.70 26.00
CA GLY B 42 14.62 4.80 25.01
C GLY B 42 13.90 4.50 23.70
N MET B 43 13.47 3.26 23.47
CA MET B 43 12.86 2.78 22.20
C MET B 43 11.34 2.94 22.25
N ARG B 44 10.71 3.33 21.16
CA ARG B 44 9.23 3.37 21.05
C ARG B 44 8.80 2.73 19.74
N TRP B 45 7.69 1.99 19.78
CA TRP B 45 6.95 1.46 18.60
C TRP B 45 5.97 2.54 18.13
N ALA B 46 6.11 3.00 16.89
CA ALA B 46 5.27 4.08 16.30
C ALA B 46 3.81 3.63 16.28
N GLY B 47 3.54 2.38 15.93
CA GLY B 47 2.17 1.88 15.70
C GLY B 47 1.51 2.62 14.56
N ASN B 48 2.03 2.41 13.34
CA ASN B 48 1.65 3.16 12.11
C ASN B 48 0.21 2.84 11.71
N ALA B 49 -0.39 3.76 10.94
CA ALA B 49 -1.79 3.70 10.47
C ALA B 49 -1.90 2.70 9.30
N ASN B 50 -0.85 2.54 8.49
CA ASN B 50 -0.73 1.43 7.52
C ASN B 50 0.74 1.20 7.13
N GLU B 51 1.01 0.08 6.46
CA GLU B 51 2.40 -0.43 6.23
C GLU B 51 3.11 0.48 5.23
N LEU B 52 2.47 0.84 4.12
CA LEU B 52 3.08 1.72 3.09
C LEU B 52 3.58 3.00 3.78
N ASN B 53 2.72 3.59 4.62
CA ASN B 53 3.00 4.85 5.37
C ASN B 53 4.14 4.60 6.36
N ALA B 54 4.14 3.44 7.02
CA ALA B 54 5.24 3.04 7.93
C ALA B 54 6.55 3.11 7.16
N GLY B 55 6.57 2.51 5.97
CA GLY B 55 7.74 2.50 5.07
C GLY B 55 8.16 3.91 4.69
N TYR B 56 7.19 4.77 4.36
CA TYR B 56 7.42 6.19 4.02
C TYR B 56 8.01 6.89 5.25
N ALA B 57 7.44 6.64 6.43
CA ALA B 57 7.91 7.19 7.72
C ALA B 57 9.37 6.77 7.96
N ALA B 58 9.67 5.47 7.90
CA ALA B 58 11.05 4.94 8.02
C ALA B 58 11.98 5.75 7.11
N ASP B 59 11.59 5.98 5.85
CA ASP B 59 12.39 6.72 4.85
C ASP B 59 12.67 8.14 5.37
N GLY B 60 11.61 8.85 5.78
CA GLY B 60 11.71 10.20 6.36
C GLY B 60 12.62 10.21 7.59
N TYR B 61 12.46 9.21 8.46
CA TYR B 61 13.26 9.06 9.71
C TYR B 61 14.74 8.95 9.34
N ALA B 62 15.07 8.05 8.41
CA ALA B 62 16.45 7.77 7.94
C ALA B 62 17.11 9.05 7.43
N ARG B 63 16.36 9.92 6.77
CA ARG B 63 16.91 11.18 6.16
C ARG B 63 17.19 12.25 7.24
N VAL B 64 16.85 11.98 8.51
CA VAL B 64 17.11 12.89 9.67
C VAL B 64 18.05 12.18 10.67
N ASN B 65 17.90 10.86 10.84
CA ASN B 65 18.75 10.04 11.73
C ASN B 65 20.21 10.31 11.41
N PRO B 66 21.06 10.60 12.43
CA PRO B 66 22.47 10.94 12.20
C PRO B 66 23.29 9.90 11.42
N ASN B 67 22.99 8.61 11.61
CA ASN B 67 23.65 7.48 10.89
C ASN B 67 22.90 7.15 9.59
N GLY B 68 21.82 7.87 9.25
CA GLY B 68 21.03 7.67 8.03
C GLY B 68 20.36 6.30 7.96
N LEU B 69 19.86 5.79 9.11
CA LEU B 69 19.22 4.47 9.25
C LEU B 69 17.80 4.62 9.82
N ALA B 70 16.92 3.68 9.48
CA ALA B 70 15.60 3.49 10.10
C ALA B 70 15.28 1.99 10.12
N ALA B 71 14.29 1.59 10.92
CA ALA B 71 13.91 0.16 11.09
C ALA B 71 12.41 0.01 10.82
N LEU B 72 12.04 -1.03 10.06
CA LEU B 72 10.64 -1.47 9.80
C LEU B 72 10.46 -2.87 10.37
N VAL B 73 9.31 -3.13 11.00
CA VAL B 73 8.85 -4.51 11.34
C VAL B 73 7.45 -4.70 10.74
N SER B 74 7.30 -5.69 9.88
CA SER B 74 6.00 -6.08 9.25
C SER B 74 5.78 -7.59 9.44
N THR B 75 4.58 -8.07 9.08
CA THR B 75 4.21 -9.51 9.16
C THR B 75 4.32 -10.13 7.78
N PHE B 76 4.52 -11.45 7.74
CA PHE B 76 4.59 -12.30 6.51
C PHE B 76 3.44 -11.99 5.56
N GLY B 77 3.76 -11.80 4.28
CA GLY B 77 2.79 -11.58 3.18
C GLY B 77 2.12 -10.22 3.25
N VAL B 78 0.99 -10.16 3.98
CA VAL B 78 0.06 -9.00 4.03
C VAL B 78 0.79 -7.74 4.49
N GLY B 79 1.72 -7.87 5.44
CA GLY B 79 2.53 -6.76 5.96
C GLY B 79 3.56 -6.32 4.93
N GLU B 80 4.53 -7.18 4.62
CA GLU B 80 5.68 -6.85 3.73
C GLU B 80 5.17 -6.32 2.38
N LEU B 81 4.21 -6.97 1.72
CA LEU B 81 3.83 -6.60 0.32
C LEU B 81 3.19 -5.20 0.28
N SER B 82 2.59 -4.76 1.38
CA SER B 82 1.97 -3.42 1.51
C SER B 82 3.07 -2.32 1.54
N LEU B 83 4.30 -2.66 1.89
CA LEU B 83 5.49 -1.76 2.02
CA LEU B 83 5.39 -1.64 1.95
C LEU B 83 6.33 -1.78 0.74
N THR B 84 6.02 -2.66 -0.21
CA THR B 84 6.84 -2.89 -1.44
C THR B 84 7.30 -1.55 -2.05
N ASN B 85 6.34 -0.66 -2.31
CA ASN B 85 6.58 0.63 -3.03
C ASN B 85 7.46 1.57 -2.17
N ALA B 86 7.36 1.47 -0.84
CA ALA B 86 8.16 2.27 0.12
C ALA B 86 9.63 1.87 0.00
N ILE B 87 9.90 0.55 0.03
CA ILE B 87 11.26 -0.05 -0.01
C ILE B 87 11.89 0.19 -1.40
N ALA B 88 11.10 0.08 -2.47
CA ALA B 88 11.55 0.38 -3.85
C ALA B 88 12.11 1.81 -3.90
N GLY B 89 11.37 2.79 -3.39
CA GLY B 89 11.77 4.21 -3.33
C GLY B 89 13.01 4.41 -2.49
N SER B 90 13.12 3.72 -1.36
CA SER B 90 14.30 3.77 -0.46
C SER B 90 15.53 3.26 -1.21
N TYR B 91 15.39 2.16 -1.94
CA TYR B 91 16.42 1.57 -2.83
C TYR B 91 16.79 2.60 -3.91
N SER B 92 15.77 3.17 -4.55
CA SER B 92 15.92 4.10 -5.70
C SER B 92 16.80 5.28 -5.29
N GLU B 93 16.54 5.85 -4.11
CA GLU B 93 17.17 7.13 -3.66
C GLU B 93 18.23 6.85 -2.57
N HIS B 94 18.64 5.60 -2.41
CA HIS B 94 19.72 5.16 -1.48
C HIS B 94 19.39 5.58 -0.05
N VAL B 95 18.36 4.98 0.57
CA VAL B 95 18.00 5.25 1.98
C VAL B 95 18.17 3.96 2.77
N GLY B 96 18.83 4.04 3.93
CA GLY B 96 19.26 2.86 4.70
C GLY B 96 18.14 2.32 5.57
N ILE B 97 17.29 1.45 5.02
CA ILE B 97 16.11 0.88 5.72
C ILE B 97 16.47 -0.53 6.20
N ILE B 98 16.36 -0.77 7.51
CA ILE B 98 16.47 -2.12 8.12
C ILE B 98 15.06 -2.72 8.12
N ASN B 99 14.70 -3.38 7.01
CA ASN B 99 13.32 -3.87 6.73
C ASN B 99 13.23 -5.32 7.25
N LEU B 100 12.81 -5.49 8.50
CA LEU B 100 12.67 -6.82 9.12
C LEU B 100 11.21 -7.28 8.95
N VAL B 101 11.03 -8.56 8.64
CA VAL B 101 9.70 -9.19 8.43
C VAL B 101 9.64 -10.46 9.29
N GLY B 102 8.66 -10.52 10.20
CA GLY B 102 8.34 -11.72 10.99
C GLY B 102 7.66 -12.76 10.13
N VAL B 103 8.26 -13.95 10.03
CA VAL B 103 7.82 -15.04 9.11
C VAL B 103 7.52 -16.29 9.95
N PRO B 104 6.81 -17.30 9.38
CA PRO B 104 6.49 -18.51 10.13
C PRO B 104 7.74 -19.32 10.53
N SER B 105 7.60 -20.22 11.51
CA SER B 105 8.58 -21.28 11.86
C SER B 105 9.37 -21.74 10.62
N LEU B 115 -1.99 -22.75 4.18
CA LEU B 115 -2.06 -22.07 5.50
C LEU B 115 -2.86 -20.76 5.36
N HIS B 116 -2.33 -19.62 5.83
CA HIS B 116 -3.07 -18.35 6.09
C HIS B 116 -2.12 -17.18 5.83
N HIS B 117 -2.48 -16.26 4.92
CA HIS B 117 -1.58 -15.24 4.29
C HIS B 117 -0.65 -15.92 3.28
N THR B 118 -1.13 -16.97 2.59
CA THR B 118 -0.42 -17.73 1.53
C THR B 118 -1.05 -17.45 0.17
N LEU B 119 -0.30 -17.70 -0.91
CA LEU B 119 -0.79 -17.65 -2.31
C LEU B 119 -1.52 -18.95 -2.67
N GLY B 120 -1.88 -19.79 -1.67
CA GLY B 120 -2.57 -21.07 -1.85
C GLY B 120 -1.63 -22.24 -2.09
N ASN B 121 -0.38 -21.98 -2.53
CA ASN B 121 0.69 -23.00 -2.70
C ASN B 121 1.38 -23.22 -1.35
N GLY B 122 2.57 -23.83 -1.34
CA GLY B 122 3.37 -24.06 -0.12
C GLY B 122 4.75 -23.43 -0.21
N ASP B 123 4.86 -22.30 -0.93
CA ASP B 123 6.14 -21.59 -1.21
C ASP B 123 6.26 -20.40 -0.25
N PHE B 124 7.10 -20.54 0.79
CA PHE B 124 7.24 -19.58 1.92
C PHE B 124 8.33 -18.52 1.62
N THR B 125 9.05 -18.64 0.49
CA THR B 125 10.13 -17.69 0.10
C THR B 125 9.64 -16.73 -0.99
N VAL B 126 8.45 -16.95 -1.54
CA VAL B 126 7.90 -16.15 -2.68
C VAL B 126 8.03 -14.65 -2.37
N PHE B 127 7.77 -14.22 -1.13
CA PHE B 127 7.75 -12.78 -0.73
C PHE B 127 9.20 -12.28 -0.58
N HIS B 128 10.09 -13.10 -0.02
CA HIS B 128 11.55 -12.82 0.11
C HIS B 128 12.17 -12.58 -1.28
N ARG B 129 11.82 -13.44 -2.26
CA ARG B 129 12.37 -13.41 -3.64
C ARG B 129 11.95 -12.11 -4.35
N MET B 130 10.73 -11.64 -4.10
CA MET B 130 10.20 -10.36 -4.67
C MET B 130 11.00 -9.17 -4.14
N PHE B 131 11.46 -9.21 -2.88
CA PHE B 131 12.16 -8.10 -2.19
C PHE B 131 13.65 -8.06 -2.53
N LYS B 132 14.20 -9.10 -3.17
CA LYS B 132 15.64 -9.16 -3.56
C LYS B 132 15.97 -8.06 -4.59
N ASN B 133 15.00 -7.71 -5.45
CA ASN B 133 15.18 -6.71 -6.54
C ASN B 133 15.30 -5.30 -5.96
N ILE B 134 14.78 -5.07 -4.75
CA ILE B 134 14.70 -3.74 -4.08
C ILE B 134 15.38 -3.81 -2.71
N SER B 135 16.30 -4.77 -2.53
CA SER B 135 17.13 -4.97 -1.33
C SER B 135 18.60 -5.05 -1.75
N GLN B 136 19.50 -4.37 -1.00
CA GLN B 136 20.97 -4.45 -1.17
C GLN B 136 21.41 -5.88 -0.88
N THR B 137 20.88 -6.47 0.20
CA THR B 137 21.17 -7.85 0.66
C THR B 137 19.99 -8.39 1.45
N SER B 138 19.92 -9.72 1.61
CA SER B 138 18.85 -10.42 2.36
C SER B 138 19.46 -11.34 3.40
N ALA B 139 18.64 -11.80 4.33
CA ALA B 139 18.90 -12.92 5.25
C ALA B 139 17.55 -13.52 5.62
N PHE B 140 17.22 -14.70 5.11
CA PHE B 140 16.13 -15.59 5.61
C PHE B 140 16.76 -16.43 6.73
N ILE B 141 16.89 -15.86 7.92
CA ILE B 141 17.63 -16.42 9.09
C ILE B 141 17.02 -17.78 9.49
N SER B 142 17.86 -18.82 9.58
CA SER B 142 17.49 -20.20 9.99
C SER B 142 18.35 -20.64 11.18
N ASP B 143 19.67 -20.63 10.98
CA ASP B 143 20.69 -21.14 11.92
C ASP B 143 20.73 -20.22 13.15
N PRO B 144 20.44 -20.75 14.36
CA PRO B 144 20.66 -19.99 15.59
C PRO B 144 22.10 -19.48 15.77
N ASN B 145 23.10 -20.25 15.32
CA ASN B 145 24.54 -19.99 15.62
C ASN B 145 25.03 -18.73 14.90
N THR B 146 24.44 -18.38 13.75
CA THR B 146 24.87 -17.27 12.86
C THR B 146 23.85 -16.12 12.86
N ALA B 147 22.75 -16.23 13.61
CA ALA B 147 21.60 -15.29 13.59
C ALA B 147 22.05 -13.88 13.97
N ALA B 148 22.78 -13.71 15.08
CA ALA B 148 23.29 -12.40 15.56
C ALA B 148 24.18 -11.77 14.47
N SER B 149 25.11 -12.55 13.95
CA SER B 149 26.11 -12.15 12.92
C SER B 149 25.38 -11.63 11.67
N GLU B 150 24.29 -12.31 11.28
CA GLU B 150 23.51 -12.02 10.05
C GLU B 150 22.78 -10.68 10.21
N ILE B 151 22.14 -10.47 11.36
CA ILE B 151 21.48 -9.18 11.70
C ILE B 151 22.53 -8.07 11.55
N ASP B 152 23.68 -8.24 12.22
CA ASP B 152 24.84 -7.31 12.15
C ASP B 152 25.23 -7.06 10.69
N ARG B 153 25.42 -8.14 9.91
CA ARG B 153 25.88 -8.06 8.51
C ARG B 153 24.89 -7.22 7.69
N CYS B 154 23.59 -7.51 7.80
CA CYS B 154 22.48 -6.79 7.09
C CYS B 154 22.47 -5.31 7.49
N ILE B 155 22.59 -5.01 8.79
CA ILE B 155 22.57 -3.62 9.31
C ILE B 155 23.76 -2.86 8.75
N ARG B 156 24.94 -3.49 8.70
CA ARG B 156 26.18 -2.91 8.13
C ARG B 156 25.94 -2.52 6.67
N ASP B 157 25.44 -3.46 5.87
CA ASP B 157 25.22 -3.24 4.42
C ASP B 157 24.31 -2.01 4.25
N ALA B 158 23.18 -1.95 4.97
CA ALA B 158 22.23 -0.82 4.95
C ALA B 158 23.00 0.50 5.12
N TYR B 159 23.87 0.60 6.12
CA TYR B 159 24.65 1.82 6.48
C TYR B 159 25.67 2.13 5.38
N VAL B 160 26.45 1.12 4.97
CA VAL B 160 27.62 1.24 4.05
C VAL B 160 27.12 1.63 2.65
N TYR B 161 26.16 0.88 2.09
CA TYR B 161 25.60 1.08 0.72
C TYR B 161 24.40 2.04 0.75
N GLN B 162 24.00 2.46 1.96
CA GLN B 162 22.87 3.40 2.16
C GLN B 162 21.69 2.91 1.33
N ARG B 163 21.16 1.74 1.66
CA ARG B 163 20.07 1.08 0.90
C ARG B 163 19.30 0.16 1.84
N PRO B 164 18.06 -0.23 1.47
CA PRO B 164 17.30 -1.20 2.24
C PRO B 164 17.98 -2.57 2.28
N VAL B 165 17.70 -3.33 3.34
CA VAL B 165 18.10 -4.75 3.52
C VAL B 165 16.88 -5.51 4.06
N TYR B 166 16.65 -6.74 3.58
CA TYR B 166 15.50 -7.59 3.98
C TYR B 166 15.99 -8.61 5.01
N ILE B 167 15.40 -8.62 6.20
CA ILE B 167 15.65 -9.66 7.25
C ILE B 167 14.33 -10.39 7.50
N GLY B 168 14.26 -11.66 7.10
CA GLY B 168 13.18 -12.58 7.49
C GLY B 168 13.54 -13.30 8.78
N LEU B 169 12.80 -13.03 9.86
CA LEU B 169 13.04 -13.61 11.20
C LEU B 169 11.89 -14.56 11.54
N PRO B 170 12.12 -15.89 11.51
CA PRO B 170 11.09 -16.85 11.92
C PRO B 170 10.75 -16.63 13.40
N SER B 171 9.45 -16.75 13.74
CA SER B 171 8.92 -16.50 15.10
C SER B 171 9.69 -17.34 16.13
N ASN B 172 10.08 -18.57 15.78
CA ASN B 172 10.71 -19.56 16.70
C ASN B 172 12.11 -19.08 17.12
N LEU B 173 12.77 -18.25 16.32
CA LEU B 173 14.17 -17.79 16.58
C LEU B 173 14.18 -16.47 17.36
N VAL B 174 13.02 -15.87 17.62
CA VAL B 174 12.94 -14.58 18.37
C VAL B 174 13.49 -14.78 19.79
N ASP B 175 13.06 -15.82 20.50
CA ASP B 175 13.33 -16.02 21.95
C ASP B 175 14.61 -16.85 22.18
N VAL B 176 15.29 -17.29 21.10
CA VAL B 176 16.62 -17.98 21.17
C VAL B 176 17.61 -17.08 21.93
N LYS B 177 18.30 -17.66 22.91
CA LYS B 177 19.26 -16.95 23.80
C LYS B 177 20.57 -16.69 23.05
N VAL B 178 21.25 -15.60 23.43
CA VAL B 178 22.48 -15.09 22.79
C VAL B 178 23.30 -14.36 23.87
N PRO B 179 24.65 -14.44 23.85
CA PRO B 179 25.46 -13.72 24.83
C PRO B 179 25.16 -12.22 24.83
N LYS B 180 24.93 -11.64 26.02
CA LYS B 180 24.81 -10.17 26.22
C LYS B 180 26.12 -9.53 25.73
N SER B 181 27.24 -10.22 25.90
CA SER B 181 28.61 -9.75 25.55
C SER B 181 28.70 -9.35 24.07
N LEU B 182 27.87 -9.93 23.19
CA LEU B 182 27.88 -9.62 21.74
C LEU B 182 27.68 -8.11 21.54
N LEU B 183 26.84 -7.47 22.37
CA LEU B 183 26.51 -6.03 22.27
C LEU B 183 27.72 -5.15 22.62
N ASP B 184 28.69 -5.66 23.40
CA ASP B 184 29.88 -4.89 23.84
C ASP B 184 30.78 -4.58 22.63
N LYS B 185 30.73 -5.42 21.59
CA LYS B 185 31.41 -5.16 20.29
C LYS B 185 30.41 -4.50 19.35
N LYS B 186 30.56 -3.19 19.15
CA LYS B 186 29.81 -2.34 18.18
C LYS B 186 29.87 -2.97 16.78
N ILE B 187 28.82 -2.81 15.99
CA ILE B 187 28.81 -3.28 14.57
C ILE B 187 29.90 -2.50 13.82
N ASP B 188 30.74 -3.19 13.05
CA ASP B 188 31.78 -2.58 12.20
C ASP B 188 31.11 -1.80 11.08
N LEU B 189 31.15 -0.45 11.14
CA LEU B 189 30.51 0.44 10.14
C LEU B 189 31.56 1.04 9.20
N SER B 190 32.84 0.86 9.51
CA SER B 190 33.98 1.50 8.79
C SER B 190 34.07 0.96 7.36
N LEU B 191 34.59 1.79 6.44
CA LEU B 191 34.86 1.43 5.02
C LEU B 191 36.29 0.88 4.93
N HIS B 192 36.56 -0.05 4.02
CA HIS B 192 37.94 -0.46 3.66
C HIS B 192 38.68 0.80 3.22
N PRO B 193 39.98 1.00 3.58
CA PRO B 193 40.73 2.14 3.07
C PRO B 193 40.80 2.05 1.55
N ASN B 194 40.85 3.18 0.85
CA ASN B 194 41.03 3.24 -0.62
C ASN B 194 42.39 2.63 -0.98
N GLU B 195 42.48 2.00 -2.15
CA GLU B 195 43.77 1.51 -2.73
C GLU B 195 44.67 2.73 -2.87
N PRO B 196 45.85 2.77 -2.22
CA PRO B 196 46.64 4.00 -2.14
C PRO B 196 46.98 4.58 -3.52
N GLU B 197 47.40 3.74 -4.46
CA GLU B 197 47.86 4.14 -5.81
C GLU B 197 46.71 4.78 -6.60
N SER B 198 45.53 4.16 -6.61
CA SER B 198 44.33 4.68 -7.32
C SER B 198 43.96 6.07 -6.75
N GLN B 199 43.98 6.19 -5.43
CA GLN B 199 43.67 7.45 -4.70
C GLN B 199 44.67 8.53 -5.11
N ALA B 200 45.96 8.21 -5.03
CA ALA B 200 47.08 9.13 -5.37
C ALA B 200 46.88 9.67 -6.79
N GLU B 201 46.58 8.79 -7.74
CA GLU B 201 46.39 9.11 -9.18
C GLU B 201 45.19 10.05 -9.33
N VAL B 202 44.07 9.73 -8.69
CA VAL B 202 42.84 10.58 -8.69
C VAL B 202 43.22 11.98 -8.20
N VAL B 203 43.81 12.09 -7.00
CA VAL B 203 44.12 13.38 -6.34
C VAL B 203 45.09 14.18 -7.25
N GLU B 204 46.19 13.56 -7.68
CA GLU B 204 47.20 14.18 -8.59
C GLU B 204 46.49 14.78 -9.81
N THR B 205 45.63 14.00 -10.47
CA THR B 205 44.94 14.36 -11.74
C THR B 205 43.96 15.51 -11.47
N VAL B 206 43.13 15.36 -10.45
CA VAL B 206 42.12 16.39 -10.05
C VAL B 206 42.82 17.71 -9.76
N GLU B 207 43.89 17.70 -8.94
CA GLU B 207 44.64 18.93 -8.59
C GLU B 207 45.25 19.53 -9.85
N LYS B 208 45.73 18.70 -10.77
CA LYS B 208 46.28 19.13 -12.08
C LYS B 208 45.21 19.92 -12.85
N PHE B 209 43.96 19.44 -12.91
CA PHE B 209 42.88 20.07 -13.72
C PHE B 209 42.36 21.34 -13.04
N ILE B 210 42.38 21.37 -11.70
CA ILE B 210 42.03 22.58 -10.91
C ILE B 210 43.06 23.69 -11.22
N SER B 211 44.34 23.32 -11.34
CA SER B 211 45.49 24.18 -11.74
C SER B 211 45.16 24.95 -13.02
N GLU B 212 44.59 24.26 -14.00
CA GLU B 212 44.50 24.74 -15.41
C GLU B 212 43.14 25.40 -15.67
N ALA B 213 42.23 25.40 -14.69
CA ALA B 213 40.84 25.87 -14.82
C ALA B 213 40.74 27.37 -14.51
N SER B 214 39.92 28.07 -15.30
CA SER B 214 39.66 29.52 -15.25
C SER B 214 38.32 29.80 -14.57
N ASN B 215 37.34 28.93 -14.80
CA ASN B 215 35.94 29.08 -14.32
C ASN B 215 35.41 27.75 -13.80
N PRO B 216 36.01 27.16 -12.74
CA PRO B 216 35.52 25.90 -12.19
C PRO B 216 34.29 26.12 -11.30
N VAL B 217 33.41 25.12 -11.24
CA VAL B 217 32.21 25.10 -10.36
C VAL B 217 32.19 23.77 -9.61
N ILE B 218 31.61 23.77 -8.41
CA ILE B 218 31.28 22.55 -7.62
C ILE B 218 29.78 22.26 -7.80
N LEU B 219 29.43 21.01 -8.08
CA LEU B 219 28.01 20.54 -8.16
C LEU B 219 27.82 19.38 -7.16
N VAL B 220 26.96 19.55 -6.16
CA VAL B 220 26.72 18.54 -5.10
C VAL B 220 25.36 17.86 -5.33
N ASP B 221 25.35 16.53 -5.34
CA ASP B 221 24.12 15.73 -5.49
C ASP B 221 23.91 14.89 -4.22
N ALA B 222 22.79 14.17 -4.15
CA ALA B 222 22.24 13.54 -2.93
C ALA B 222 23.24 12.55 -2.30
N CYS B 223 24.07 11.84 -3.09
CA CYS B 223 24.97 10.79 -2.55
C CYS B 223 26.03 11.41 -1.61
N ALA B 224 26.32 12.71 -1.76
CA ALA B 224 27.19 13.49 -0.83
C ALA B 224 26.58 13.51 0.58
N ILE B 225 25.24 13.51 0.67
CA ILE B 225 24.48 13.49 1.95
C ILE B 225 24.54 12.07 2.54
N ARG B 226 24.16 11.07 1.74
CA ARG B 226 24.03 9.66 2.19
C ARG B 226 25.38 9.14 2.73
N HIS B 227 26.50 9.54 2.13
CA HIS B 227 27.85 9.00 2.45
C HIS B 227 28.64 10.01 3.31
N ASN B 228 27.94 10.95 3.94
CA ASN B 228 28.48 11.77 5.06
C ASN B 228 29.72 12.54 4.56
N CYS B 229 29.55 13.37 3.55
CA CYS B 229 30.62 14.22 2.95
C CYS B 229 30.24 15.70 3.02
N LEU B 230 29.26 16.08 3.85
CA LEU B 230 28.74 17.48 3.90
C LEU B 230 29.77 18.42 4.52
N LYS B 231 30.51 17.96 5.55
CA LYS B 231 31.66 18.68 6.14
C LYS B 231 32.75 18.87 5.07
N GLU B 232 33.10 17.78 4.36
CA GLU B 232 34.12 17.76 3.27
C GLU B 232 33.73 18.76 2.17
N VAL B 233 32.46 18.74 1.74
CA VAL B 233 31.90 19.67 0.71
C VAL B 233 32.05 21.13 1.18
N ALA B 234 31.73 21.42 2.43
CA ALA B 234 31.82 22.78 3.03
C ALA B 234 33.27 23.24 3.05
N GLU B 235 34.19 22.34 3.41
CA GLU B 235 35.66 22.62 3.43
C GLU B 235 36.12 22.89 1.99
N LEU B 236 35.59 22.16 1.01
CA LEU B 236 36.01 22.31 -0.41
C LEU B 236 35.59 23.70 -0.90
N ILE B 237 34.40 24.16 -0.52
CA ILE B 237 33.91 25.52 -0.87
C ILE B 237 34.83 26.53 -0.19
N ALA B 238 35.15 26.32 1.09
CA ALA B 238 36.00 27.21 1.92
C ALA B 238 37.36 27.35 1.23
N GLU B 239 37.98 26.22 0.87
CA GLU B 239 39.40 26.14 0.44
C GLU B 239 39.57 26.66 -1.00
N THR B 240 38.59 26.44 -1.89
CA THR B 240 38.68 26.80 -3.32
C THR B 240 38.03 28.16 -3.60
N GLN B 241 37.01 28.52 -2.80
CA GLN B 241 36.13 29.70 -3.01
C GLN B 241 35.49 29.61 -4.41
N PHE B 242 35.27 28.39 -4.91
CA PHE B 242 34.58 28.14 -6.20
C PHE B 242 33.08 28.34 -6.01
N PRO B 243 32.36 28.83 -7.03
CA PRO B 243 30.90 28.83 -6.99
C PRO B 243 30.41 27.40 -6.78
N VAL B 244 29.43 27.20 -5.89
CA VAL B 244 28.88 25.86 -5.60
C VAL B 244 27.37 25.86 -5.92
N PHE B 245 26.88 24.74 -6.44
CA PHE B 245 25.45 24.52 -6.81
C PHE B 245 25.05 23.11 -6.36
N THR B 246 23.75 22.88 -6.15
CA THR B 246 23.17 21.54 -5.90
C THR B 246 22.19 21.14 -7.01
N THR B 247 21.85 19.85 -7.02
CA THR B 247 20.70 19.26 -7.74
C THR B 247 19.47 19.45 -6.87
N PRO B 248 18.24 19.27 -7.40
CA PRO B 248 17.03 19.29 -6.57
C PRO B 248 17.03 18.16 -5.52
N MET B 249 17.55 17.00 -5.88
CA MET B 249 17.63 15.81 -5.00
C MET B 249 18.70 16.04 -3.93
N GLY B 250 19.66 16.91 -4.22
CA GLY B 250 20.79 17.23 -3.32
C GLY B 250 20.58 18.53 -2.56
N LYS B 251 19.51 19.27 -2.84
CA LYS B 251 19.24 20.57 -2.17
C LYS B 251 19.32 20.37 -0.66
N SER B 252 20.08 21.24 0.02
CA SER B 252 20.37 21.23 1.48
C SER B 252 21.70 20.51 1.77
N SER B 253 22.33 19.89 0.75
CA SER B 253 23.72 19.39 0.81
C SER B 253 24.67 20.55 1.11
N VAL B 254 24.36 21.74 0.59
CA VAL B 254 25.13 22.98 0.78
C VAL B 254 24.26 23.98 1.56
N ASP B 255 24.85 24.60 2.58
CA ASP B 255 24.33 25.78 3.31
C ASP B 255 24.06 26.89 2.28
N GLU B 256 22.80 27.25 2.04
CA GLU B 256 22.41 28.23 0.99
C GLU B 256 22.65 29.66 1.51
N SER B 257 23.07 29.80 2.77
CA SER B 257 23.56 31.06 3.41
C SER B 257 24.97 31.41 2.89
N ASN B 258 25.73 30.39 2.50
CA ASN B 258 27.12 30.54 2.02
C ASN B 258 27.08 31.50 0.84
N PRO B 259 27.85 32.61 0.87
CA PRO B 259 27.84 33.58 -0.23
C PRO B 259 28.31 32.99 -1.57
N ARG B 260 28.99 31.84 -1.57
CA ARG B 260 29.50 31.15 -2.80
C ARG B 260 28.42 30.26 -3.41
N PHE B 261 27.31 30.02 -2.72
CA PHE B 261 26.20 29.16 -3.21
C PHE B 261 25.43 29.91 -4.32
N GLY B 262 25.31 29.29 -5.50
CA GLY B 262 24.77 29.93 -6.71
C GLY B 262 23.38 29.46 -7.07
N GLY B 263 22.81 28.53 -6.30
CA GLY B 263 21.45 28.01 -6.52
C GLY B 263 21.45 26.54 -6.97
N VAL B 264 20.32 26.12 -7.52
CA VAL B 264 19.97 24.69 -7.81
C VAL B 264 20.00 24.48 -9.33
N TYR B 265 20.90 23.62 -9.81
CA TYR B 265 21.07 23.27 -11.25
C TYR B 265 20.06 22.19 -11.62
N VAL B 266 19.27 22.43 -12.67
CA VAL B 266 18.17 21.53 -13.14
C VAL B 266 18.21 21.48 -14.68
N GLY B 267 19.40 21.43 -15.28
CA GLY B 267 19.58 21.48 -16.75
C GLY B 267 18.88 22.70 -17.34
N SER B 268 17.97 22.50 -18.30
CA SER B 268 17.22 23.56 -19.02
C SER B 268 16.13 24.19 -18.15
N LEU B 269 15.76 23.57 -17.01
CA LEU B 269 14.71 24.06 -16.08
C LEU B 269 15.30 25.00 -15.01
N SER B 270 16.60 25.28 -15.08
CA SER B 270 17.30 26.21 -14.16
C SER B 270 16.99 27.66 -14.56
N SER B 271 16.86 28.56 -13.57
CA SER B 271 16.83 30.03 -13.79
C SER B 271 18.02 30.39 -14.67
N PRO B 272 17.84 31.13 -15.79
CA PRO B 272 18.87 31.19 -16.85
C PRO B 272 20.29 31.48 -16.35
N ASP B 273 20.41 32.24 -15.25
CA ASP B 273 21.70 32.62 -14.62
C ASP B 273 22.45 31.35 -14.18
N VAL B 274 21.74 30.43 -13.54
CA VAL B 274 22.28 29.11 -13.06
C VAL B 274 22.72 28.30 -14.28
N LYS B 275 21.88 28.19 -15.31
CA LYS B 275 22.19 27.44 -16.55
C LYS B 275 23.53 27.94 -17.11
N GLU B 276 23.72 29.26 -17.18
CA GLU B 276 24.94 29.91 -17.74
C GLU B 276 26.14 29.61 -16.84
N ALA B 277 26.04 29.87 -15.53
CA ALA B 277 27.15 29.78 -14.54
C ALA B 277 27.72 28.35 -14.53
N VAL B 278 26.85 27.34 -14.56
CA VAL B 278 27.21 25.89 -14.53
C VAL B 278 27.78 25.50 -15.89
N GLU B 279 27.02 25.72 -16.97
CA GLU B 279 27.29 25.14 -18.31
C GLU B 279 28.46 25.88 -19.00
N SER B 280 28.78 27.11 -18.58
CA SER B 280 29.93 27.90 -19.09
C SER B 280 31.25 27.47 -18.41
N ALA B 281 31.18 26.73 -17.30
CA ALA B 281 32.35 26.28 -16.51
C ALA B 281 33.28 25.42 -17.40
N ASP B 282 34.59 25.59 -17.24
CA ASP B 282 35.63 24.79 -17.96
C ASP B 282 36.05 23.59 -17.10
N LEU B 283 35.51 23.48 -15.88
CA LEU B 283 35.77 22.38 -14.92
C LEU B 283 34.57 22.23 -13.99
N VAL B 284 34.00 21.04 -13.92
CA VAL B 284 32.91 20.71 -12.96
C VAL B 284 33.47 19.69 -11.96
N LEU B 285 33.56 20.07 -10.69
CA LEU B 285 33.86 19.16 -9.55
C LEU B 285 32.52 18.66 -9.00
N SER B 286 32.00 17.57 -9.56
CA SER B 286 30.72 16.93 -9.15
C SER B 286 30.99 16.04 -7.93
N VAL B 287 30.18 16.17 -6.88
CA VAL B 287 30.28 15.35 -5.64
C VAL B 287 28.97 14.59 -5.45
N GLY B 288 28.99 13.29 -5.71
CA GLY B 288 27.92 12.34 -5.34
C GLY B 288 26.78 12.33 -6.34
N ALA B 289 27.07 12.62 -7.63
CA ALA B 289 26.09 12.50 -8.74
C ALA B 289 25.43 11.11 -8.68
N MET B 290 24.15 11.03 -9.08
CA MET B 290 23.28 9.82 -8.98
C MET B 290 23.25 9.07 -10.32
N LEU B 291 23.76 9.69 -11.40
CA LEU B 291 23.96 9.07 -12.75
C LEU B 291 22.61 8.58 -13.29
N ASN B 307 34.82 18.82 -19.38
CA ASN B 307 35.91 18.54 -18.40
C ASN B 307 35.32 18.35 -16.99
N VAL B 308 35.07 17.10 -16.58
CA VAL B 308 34.22 16.77 -15.39
C VAL B 308 35.00 15.85 -14.45
N VAL B 309 34.95 16.14 -13.16
CA VAL B 309 35.34 15.22 -12.06
C VAL B 309 34.07 14.83 -11.29
N GLU B 310 33.78 13.53 -11.18
CA GLU B 310 32.64 13.00 -10.40
C GLU B 310 33.18 12.08 -9.31
N PHE B 311 33.06 12.49 -8.04
CA PHE B 311 33.27 11.62 -6.87
C PHE B 311 31.98 10.86 -6.61
N HIS B 312 32.02 9.54 -6.69
CA HIS B 312 30.89 8.63 -6.37
C HIS B 312 31.28 7.80 -5.15
N SER B 313 30.31 7.09 -4.58
CA SER B 313 30.45 6.28 -3.35
C SER B 313 31.65 5.34 -3.49
N ASP B 314 31.74 4.62 -4.62
CA ASP B 314 32.68 3.46 -4.78
C ASP B 314 33.61 3.63 -5.99
N TYR B 315 33.60 4.76 -6.70
CA TYR B 315 34.56 5.02 -7.80
C TYR B 315 34.68 6.53 -8.04
N THR B 316 35.67 6.95 -8.83
CA THR B 316 35.87 8.34 -9.29
C THR B 316 36.02 8.37 -10.81
N LYS B 317 35.21 9.20 -11.47
CA LYS B 317 35.31 9.48 -12.92
C LYS B 317 36.06 10.82 -13.10
N ILE B 318 37.07 10.82 -13.97
CA ILE B 318 37.82 12.04 -14.38
C ILE B 318 37.83 12.06 -15.90
N ARG B 319 36.94 12.88 -16.49
CA ARG B 319 36.58 12.84 -17.93
C ARG B 319 36.05 11.45 -18.24
N GLN B 320 36.63 10.77 -19.23
CA GLN B 320 36.10 9.50 -19.79
C GLN B 320 36.78 8.31 -19.09
N ALA B 321 37.61 8.58 -18.08
CA ALA B 321 38.33 7.57 -17.30
C ALA B 321 37.60 7.29 -15.98
N THR B 322 37.35 6.01 -15.70
CA THR B 322 36.76 5.51 -14.43
C THR B 322 37.88 4.93 -13.57
N PHE B 323 38.02 5.39 -12.32
CA PHE B 323 38.95 4.83 -11.31
C PHE B 323 38.14 3.95 -10.36
N PRO B 324 38.02 2.63 -10.60
CA PRO B 324 37.20 1.76 -9.75
C PRO B 324 37.75 1.72 -8.31
N GLY B 325 36.85 1.73 -7.32
CA GLY B 325 37.18 1.42 -5.92
C GLY B 325 37.52 2.66 -5.10
N VAL B 326 37.73 3.83 -5.73
CA VAL B 326 38.15 5.08 -5.04
C VAL B 326 36.91 5.73 -4.41
N GLN B 327 36.70 5.44 -3.11
CA GLN B 327 35.54 5.89 -2.29
C GLN B 327 35.66 7.40 -2.01
N MET B 328 34.53 8.11 -1.99
CA MET B 328 34.50 9.59 -2.12
C MET B 328 34.98 10.28 -0.83
N LYS B 329 34.61 9.78 0.34
CA LYS B 329 34.86 10.51 1.61
C LYS B 329 36.37 10.68 1.81
N GLU B 330 37.12 9.58 1.83
CA GLU B 330 38.59 9.57 2.05
C GLU B 330 39.29 10.39 0.96
N ALA B 331 38.91 10.17 -0.31
CA ALA B 331 39.45 10.89 -1.47
C ALA B 331 39.34 12.40 -1.23
N LEU B 332 38.13 12.88 -0.93
CA LEU B 332 37.84 14.32 -0.62
C LEU B 332 38.69 14.78 0.56
N GLN B 333 38.71 14.02 1.65
CA GLN B 333 39.52 14.36 2.86
C GLN B 333 40.97 14.62 2.45
N VAL B 334 41.55 13.73 1.64
CA VAL B 334 42.97 13.84 1.20
C VAL B 334 43.12 15.03 0.22
N LEU B 335 42.13 15.25 -0.64
CA LEU B 335 42.12 16.37 -1.61
C LEU B 335 42.19 17.70 -0.84
N LEU B 336 41.44 17.81 0.26
CA LEU B 336 41.26 19.08 1.03
C LEU B 336 42.56 19.55 1.70
N LYS B 337 43.51 18.63 1.95
CA LYS B 337 44.80 18.96 2.62
C LYS B 337 45.67 19.86 1.72
N THR B 338 45.52 19.80 0.38
CA THR B 338 46.37 20.55 -0.58
C THR B 338 45.55 21.28 -1.66
N VAL B 339 44.23 21.18 -1.68
CA VAL B 339 43.41 21.65 -2.84
C VAL B 339 43.55 23.16 -3.03
N LYS B 340 43.65 23.94 -1.94
CA LYS B 340 43.70 25.42 -2.01
C LYS B 340 44.90 25.87 -2.85
N LYS B 341 46.05 25.22 -2.66
CA LYS B 341 47.34 25.63 -3.27
C LYS B 341 47.46 25.09 -4.70
N SER B 342 46.48 24.31 -5.17
CA SER B 342 46.39 23.81 -6.55
C SER B 342 45.44 24.68 -7.36
N VAL B 343 44.71 25.60 -6.72
CA VAL B 343 43.85 26.62 -7.41
C VAL B 343 44.76 27.46 -8.30
N ASN B 344 44.30 27.73 -9.52
CA ASN B 344 44.94 28.67 -10.48
C ASN B 344 45.35 29.93 -9.71
N PRO B 345 46.64 30.36 -9.74
CA PRO B 345 47.03 31.60 -9.08
C PRO B 345 46.30 32.83 -9.66
N LYS B 346 45.92 32.77 -10.95
CA LYS B 346 45.23 33.87 -11.68
C LYS B 346 43.73 33.91 -11.37
N TYR B 347 43.16 32.88 -10.74
CA TYR B 347 41.69 32.75 -10.51
C TYR B 347 41.21 33.75 -9.46
N VAL B 348 40.14 34.49 -9.79
CA VAL B 348 39.39 35.39 -8.85
C VAL B 348 38.04 34.73 -8.58
N PRO B 349 37.63 34.52 -7.31
CA PRO B 349 36.28 34.07 -6.98
C PRO B 349 35.22 34.73 -7.88
N ALA B 350 34.57 33.91 -8.71
CA ALA B 350 33.54 34.30 -9.71
C ALA B 350 32.28 34.78 -8.99
N PRO B 351 31.61 35.86 -9.47
CA PRO B 351 30.30 36.23 -8.94
C PRO B 351 29.26 35.11 -9.16
N VAL B 352 28.30 34.96 -8.25
CA VAL B 352 27.24 33.90 -8.29
C VAL B 352 25.89 34.54 -8.57
N PRO B 353 24.97 33.83 -9.27
CA PRO B 353 23.58 34.26 -9.41
C PRO B 353 22.91 34.73 -8.10
N ALA B 354 22.00 35.71 -8.20
CA ALA B 354 21.13 36.22 -7.12
C ALA B 354 19.68 35.77 -7.37
N THR B 360 5.80 42.16 -5.98
CA THR B 360 5.57 43.12 -4.87
C THR B 360 4.06 43.37 -4.72
N PRO B 361 3.26 42.32 -4.42
CA PRO B 361 1.81 42.37 -4.65
C PRO B 361 1.07 43.12 -3.53
N GLY B 362 -0.21 43.44 -3.78
CA GLY B 362 -1.13 44.02 -2.79
C GLY B 362 -1.53 42.99 -1.76
N ASN B 363 -1.81 43.44 -0.53
CA ASN B 363 -2.24 42.57 0.61
C ASN B 363 -3.40 41.67 0.19
N ASN B 364 -4.39 42.20 -0.53
CA ASN B 364 -5.65 41.47 -0.81
C ASN B 364 -5.57 40.81 -2.20
N ASP B 365 -4.40 40.81 -2.85
CA ASP B 365 -4.16 39.98 -4.06
C ASP B 365 -4.25 38.52 -3.65
N PRO B 366 -4.83 37.63 -4.50
CA PRO B 366 -4.82 36.20 -4.21
C PRO B 366 -3.37 35.70 -4.16
N VAL B 367 -3.08 34.78 -3.23
CA VAL B 367 -1.76 34.12 -3.08
C VAL B 367 -1.47 33.31 -4.35
N SER B 368 -0.22 33.31 -4.80
CA SER B 368 0.23 32.61 -6.03
C SER B 368 1.35 31.62 -5.66
N GLN B 369 1.65 30.68 -6.56
CA GLN B 369 2.81 29.74 -6.45
C GLN B 369 4.09 30.57 -6.42
N GLU B 370 4.26 31.50 -7.37
CA GLU B 370 5.47 32.34 -7.50
C GLU B 370 5.73 33.04 -6.17
N TYR B 371 4.73 33.71 -5.60
CA TYR B 371 4.88 34.51 -4.37
C TYR B 371 5.22 33.58 -3.20
N LEU B 372 4.47 32.49 -3.02
CA LEU B 372 4.62 31.52 -1.91
C LEU B 372 6.08 31.03 -1.82
N TRP B 373 6.70 30.61 -2.91
CA TRP B 373 8.02 29.92 -2.89
C TRP B 373 9.14 30.93 -2.64
N ARG B 374 8.96 32.16 -3.09
CA ARG B 374 9.88 33.30 -2.80
C ARG B 374 9.75 33.61 -1.31
N LYS B 375 8.52 33.76 -0.82
CA LYS B 375 8.24 34.37 0.50
C LYS B 375 8.59 33.40 1.63
N VAL B 376 8.44 32.08 1.46
CA VAL B 376 8.71 31.06 2.52
C VAL B 376 10.19 31.13 2.92
N SER B 377 11.08 31.53 2.02
CA SER B 377 12.53 31.70 2.30
C SER B 377 12.72 32.49 3.59
N ASP B 378 11.91 33.55 3.77
CA ASP B 378 11.99 34.52 4.89
C ASP B 378 11.51 33.88 6.20
N TRP B 379 10.74 32.80 6.12
CA TRP B 379 10.06 32.17 7.30
C TRP B 379 10.92 31.04 7.88
N PHE B 380 11.77 30.39 7.08
CA PHE B 380 12.58 29.22 7.51
C PHE B 380 13.59 29.67 8.56
N GLN B 381 14.07 28.72 9.37
CA GLN B 381 15.05 28.96 10.46
C GLN B 381 16.06 27.81 10.51
N GLU B 382 17.27 28.11 10.99
CA GLU B 382 18.37 27.14 11.21
C GLU B 382 17.80 25.79 11.66
N GLY B 383 18.17 24.70 10.97
CA GLY B 383 17.89 23.31 11.36
C GLY B 383 16.50 22.83 10.92
N ASP B 384 15.76 23.59 10.13
CA ASP B 384 14.40 23.19 9.66
C ASP B 384 14.53 21.95 8.77
N VAL B 385 13.72 20.93 9.03
CA VAL B 385 13.48 19.80 8.09
C VAL B 385 12.38 20.26 7.14
N ILE B 386 12.67 20.34 5.84
CA ILE B 386 11.77 20.93 4.81
C ILE B 386 11.46 19.87 3.76
N ILE B 387 10.23 19.34 3.80
CA ILE B 387 9.75 18.19 2.98
C ILE B 387 8.81 18.72 1.90
N SER B 388 9.04 18.36 0.64
CA SER B 388 8.26 18.81 -0.54
C SER B 388 7.78 17.59 -1.35
N GLU B 389 6.46 17.43 -1.50
CA GLU B 389 5.84 16.33 -2.27
C GLU B 389 6.05 16.56 -3.77
N THR B 390 6.19 15.47 -4.53
CA THR B 390 6.09 15.43 -6.01
C THR B 390 4.79 16.16 -6.42
N GLY B 391 4.89 17.06 -7.41
CA GLY B 391 3.83 18.04 -7.74
C GLY B 391 4.39 19.45 -7.74
N THR B 392 3.52 20.46 -7.71
CA THR B 392 3.92 21.89 -7.73
C THR B 392 4.93 22.12 -6.60
N SER B 393 4.68 21.53 -5.42
CA SER B 393 5.50 21.70 -4.20
C SER B 393 6.98 21.43 -4.50
N ALA B 394 7.31 20.25 -5.02
CA ALA B 394 8.72 19.82 -5.27
C ALA B 394 9.39 20.78 -6.27
N PHE B 395 8.67 21.19 -7.31
CA PHE B 395 9.16 22.16 -8.34
C PHE B 395 9.33 23.54 -7.71
N GLY B 396 8.40 23.95 -6.85
CA GLY B 396 8.40 25.25 -6.17
C GLY B 396 9.56 25.42 -5.21
N ILE B 397 9.77 24.46 -4.31
CA ILE B 397 10.75 24.54 -3.19
C ILE B 397 12.17 24.73 -3.74
N VAL B 398 12.43 24.27 -4.97
CA VAL B 398 13.73 24.45 -5.69
C VAL B 398 14.13 25.93 -5.65
N GLN B 399 13.17 26.83 -5.90
CA GLN B 399 13.39 28.30 -6.06
C GLN B 399 13.54 28.95 -4.68
N SER B 400 13.01 28.31 -3.62
CA SER B 400 13.05 28.75 -2.21
C SER B 400 14.50 28.68 -1.69
N LYS B 401 14.84 29.52 -0.71
CA LYS B 401 16.19 29.58 -0.10
C LYS B 401 16.15 28.95 1.29
N PHE B 402 16.93 27.91 1.51
CA PHE B 402 16.96 27.13 2.77
C PHE B 402 17.87 27.84 3.77
N PRO B 403 17.63 27.68 5.07
CA PRO B 403 18.52 28.23 6.09
C PRO B 403 19.73 27.32 6.32
N LYS B 404 20.67 27.76 7.16
CA LYS B 404 21.83 26.98 7.65
C LYS B 404 21.31 25.70 8.32
N ASN B 405 21.88 24.55 7.98
CA ASN B 405 21.63 23.21 8.60
C ASN B 405 20.20 22.73 8.30
N ALA B 406 19.59 23.25 7.23
CA ALA B 406 18.30 22.75 6.70
C ALA B 406 18.49 21.29 6.27
N ILE B 407 17.51 20.43 6.52
CA ILE B 407 17.46 19.04 5.95
C ILE B 407 16.33 19.01 4.93
N GLY B 408 16.69 18.95 3.64
CA GLY B 408 15.74 18.90 2.52
C GLY B 408 15.32 17.47 2.23
N ILE B 409 14.01 17.22 2.08
CA ILE B 409 13.50 15.89 1.63
C ILE B 409 12.54 16.12 0.45
N SER B 410 12.92 15.63 -0.73
CA SER B 410 12.09 15.62 -1.95
C SER B 410 12.41 14.35 -2.74
N GLN B 411 11.44 13.45 -2.88
CA GLN B 411 11.62 12.14 -3.56
C GLN B 411 11.62 12.34 -5.07
N VAL B 412 12.62 13.07 -5.60
CA VAL B 412 12.66 13.54 -7.01
C VAL B 412 12.79 12.35 -7.97
N LEU B 413 13.64 11.37 -7.64
CA LEU B 413 13.97 10.21 -8.50
C LEU B 413 12.79 9.22 -8.55
N TRP B 414 12.38 8.65 -7.41
CA TRP B 414 11.27 7.66 -7.35
C TRP B 414 9.92 8.33 -7.66
N GLY B 415 9.65 9.48 -7.04
CA GLY B 415 8.48 10.34 -7.31
C GLY B 415 7.16 9.64 -7.06
N SER B 416 6.98 9.01 -5.90
CA SER B 416 5.69 8.40 -5.45
C SER B 416 4.90 9.41 -4.61
N ILE B 417 3.82 9.95 -5.16
CA ILE B 417 2.95 10.92 -4.40
C ILE B 417 2.37 10.15 -3.20
N GLY B 418 2.18 10.86 -2.08
CA GLY B 418 1.80 10.26 -0.79
C GLY B 418 2.99 10.15 0.14
N TYR B 419 4.15 9.79 -0.41
CA TYR B 419 5.46 9.65 0.31
C TYR B 419 5.62 10.75 1.36
N ALA B 420 5.46 12.03 0.98
CA ALA B 420 5.85 13.21 1.77
C ALA B 420 5.15 13.22 3.13
N THR B 421 3.87 12.84 3.17
CA THR B 421 3.02 12.86 4.39
C THR B 421 3.48 11.72 5.32
N GLY B 422 3.76 10.54 4.79
CA GLY B 422 4.34 9.43 5.57
C GLY B 422 5.71 9.80 6.13
N ALA B 423 6.59 10.33 5.29
CA ALA B 423 7.96 10.74 5.63
C ALA B 423 7.94 11.80 6.73
N THR B 424 6.97 12.73 6.67
CA THR B 424 6.84 13.83 7.65
C THR B 424 6.70 13.21 9.05
N CYS B 425 5.94 12.13 9.18
CA CYS B 425 5.74 11.40 10.45
C CYS B 425 7.10 10.92 10.99
N GLY B 426 7.88 10.22 10.17
CA GLY B 426 9.21 9.72 10.55
C GLY B 426 10.18 10.86 10.83
N ALA B 427 10.23 11.88 9.97
CA ALA B 427 11.11 13.06 10.12
C ALA B 427 10.82 13.74 11.45
N ALA B 428 9.53 13.93 11.79
CA ALA B 428 9.05 14.59 13.03
C ALA B 428 9.49 13.79 14.26
N MET B 429 9.37 12.46 14.23
CA MET B 429 9.74 11.59 15.38
C MET B 429 11.26 11.58 15.58
N ALA B 430 12.04 11.58 14.50
CA ALA B 430 13.52 11.74 14.53
C ALA B 430 13.87 13.09 15.15
N ALA B 431 13.24 14.18 14.69
CA ALA B 431 13.48 15.56 15.17
C ALA B 431 13.24 15.63 16.68
N GLN B 432 12.17 14.96 17.16
CA GLN B 432 11.80 14.88 18.60
C GLN B 432 12.99 14.33 19.42
N GLU B 433 13.75 13.39 18.86
CA GLU B 433 14.87 12.66 19.53
C GLU B 433 16.17 13.46 19.46
N ILE B 434 16.26 14.43 18.55
CA ILE B 434 17.47 15.28 18.37
C ILE B 434 17.31 16.55 19.19
N ASP B 435 16.16 17.23 19.12
CA ASP B 435 16.01 18.63 19.60
C ASP B 435 14.53 19.03 19.54
N PRO B 436 13.91 19.43 20.68
CA PRO B 436 12.52 19.85 20.69
C PRO B 436 12.27 21.14 19.90
N LYS B 437 13.30 21.98 19.73
CA LYS B 437 13.24 23.29 19.01
C LYS B 437 13.22 23.10 17.48
N LYS B 438 13.62 21.92 16.99
CA LYS B 438 13.81 21.65 15.54
C LYS B 438 12.45 21.42 14.86
N ARG B 439 12.07 22.29 13.91
CA ARG B 439 10.76 22.25 13.21
C ARG B 439 10.83 21.34 11.99
N VAL B 440 9.73 20.64 11.70
CA VAL B 440 9.56 19.73 10.52
C VAL B 440 8.38 20.24 9.70
N ILE B 441 8.65 20.66 8.46
CA ILE B 441 7.73 21.44 7.59
C ILE B 441 7.45 20.62 6.35
N LEU B 442 6.17 20.41 6.03
CA LEU B 442 5.67 19.66 4.86
C LEU B 442 4.94 20.61 3.90
N PHE B 443 5.30 20.55 2.60
CA PHE B 443 4.52 21.08 1.46
C PHE B 443 4.03 19.87 0.66
N THR B 444 2.75 19.52 0.84
CA THR B 444 2.05 18.47 0.06
C THR B 444 0.91 19.14 -0.71
N GLY B 445 0.60 18.61 -1.89
CA GLY B 445 -0.62 18.99 -2.64
C GLY B 445 -1.85 18.44 -1.94
N ASP B 446 -3.03 18.94 -2.30
CA ASP B 446 -4.35 18.39 -1.89
C ASP B 446 -4.47 16.92 -2.34
N GLY B 447 -4.02 16.60 -3.56
CA GLY B 447 -4.16 15.26 -4.16
C GLY B 447 -3.30 14.23 -3.45
N SER B 448 -2.01 14.50 -3.29
CA SER B 448 -1.03 13.56 -2.67
C SER B 448 -1.42 13.26 -1.23
N LEU B 449 -1.89 14.27 -0.48
CA LEU B 449 -2.33 14.14 0.94
C LEU B 449 -3.29 12.94 1.07
N GLN B 450 -4.21 12.78 0.11
CA GLN B 450 -5.31 11.78 0.16
C GLN B 450 -4.73 10.37 0.24
N LEU B 451 -3.60 10.12 -0.43
CA LEU B 451 -3.02 8.76 -0.59
C LEU B 451 -2.49 8.21 0.74
N THR B 452 -2.09 9.07 1.67
CA THR B 452 -1.34 8.66 2.89
C THR B 452 -1.82 9.45 4.12
N VAL B 453 -3.05 9.95 4.10
CA VAL B 453 -3.61 10.94 5.08
C VAL B 453 -3.60 10.36 6.50
N GLN B 454 -3.77 9.05 6.66
CA GLN B 454 -3.99 8.43 7.99
C GLN B 454 -2.72 8.50 8.84
N GLU B 455 -1.56 8.88 8.28
CA GLU B 455 -0.30 8.87 9.05
C GLU B 455 -0.18 10.14 9.89
N ILE B 456 -1.01 11.14 9.61
CA ILE B 456 -1.21 12.33 10.49
C ILE B 456 -1.71 11.85 11.86
N SER B 457 -2.51 10.78 11.88
CA SER B 457 -2.94 10.06 13.11
C SER B 457 -1.72 9.80 14.02
N THR B 458 -0.70 9.17 13.46
CA THR B 458 0.54 8.76 14.18
C THR B 458 1.22 10.02 14.72
N MET B 459 1.26 11.10 13.93
CA MET B 459 1.83 12.41 14.36
C MET B 459 1.11 12.90 15.62
N CYS B 460 -0.22 12.77 15.65
CA CYS B 460 -1.09 13.20 16.78
C CYS B 460 -0.90 12.26 17.98
N LYS B 461 -0.74 10.95 17.73
CA LYS B 461 -0.49 9.95 18.80
C LYS B 461 0.79 10.29 19.57
N TRP B 462 1.83 10.79 18.89
CA TRP B 462 3.18 11.06 19.48
C TRP B 462 3.41 12.55 19.67
N ASP B 463 2.34 13.35 19.69
CA ASP B 463 2.37 14.80 20.05
C ASP B 463 3.50 15.46 19.24
N CYS B 464 3.56 15.20 17.94
CA CYS B 464 4.54 15.83 17.00
C CYS B 464 4.22 17.32 16.85
N TYR B 465 4.51 18.09 17.91
CA TYR B 465 4.24 19.54 18.03
C TYR B 465 5.35 20.34 17.33
N ASN B 466 6.24 19.64 16.62
CA ASN B 466 7.32 20.22 15.78
C ASN B 466 6.84 20.37 14.32
N THR B 467 5.63 19.88 14.02
CA THR B 467 5.19 19.56 12.63
C THR B 467 4.27 20.66 12.09
N TYR B 468 4.56 21.11 10.88
CA TYR B 468 3.73 22.03 10.06
C TYR B 468 3.32 21.30 8.77
N LEU B 469 2.01 21.09 8.59
CA LEU B 469 1.43 20.46 7.38
C LEU B 469 0.84 21.55 6.47
N TYR B 470 1.66 22.11 5.58
CA TYR B 470 1.17 23.02 4.51
C TYR B 470 0.55 22.18 3.40
N VAL B 471 -0.75 22.42 3.15
CA VAL B 471 -1.55 21.75 2.08
C VAL B 471 -1.89 22.79 1.01
N LEU B 472 -1.41 22.58 -0.21
CA LEU B 472 -1.70 23.45 -1.39
C LEU B 472 -2.99 22.96 -2.06
N ASN B 473 -4.12 23.64 -1.82
CA ASN B 473 -5.43 23.26 -2.41
C ASN B 473 -5.65 24.00 -3.73
N ASN B 474 -5.43 23.30 -4.85
CA ASN B 474 -5.63 23.81 -6.23
C ASN B 474 -6.68 22.95 -6.94
N ASP B 475 -7.56 22.32 -6.17
CA ASP B 475 -8.72 21.52 -6.64
C ASP B 475 -8.27 20.42 -7.60
N GLY B 476 -7.25 19.64 -7.20
CA GLY B 476 -6.88 18.38 -7.89
C GLY B 476 -5.40 18.28 -8.25
N TYR B 477 -5.08 17.50 -9.28
CA TYR B 477 -3.72 17.07 -9.68
C TYR B 477 -3.12 18.06 -10.70
N THR B 478 -2.70 19.23 -10.23
CA THR B 478 -2.31 20.39 -11.08
C THR B 478 -1.08 20.06 -11.94
N ILE B 479 -0.05 19.41 -11.38
CA ILE B 479 1.17 19.06 -12.17
C ILE B 479 0.79 18.18 -13.36
N GLU B 480 -0.19 17.30 -13.20
CA GLU B 480 -0.68 16.42 -14.29
C GLU B 480 -1.48 17.26 -15.28
N ARG B 481 -2.37 18.14 -14.80
CA ARG B 481 -3.20 19.04 -15.66
C ARG B 481 -2.28 19.79 -16.64
N LEU B 482 -1.08 20.19 -16.21
CA LEU B 482 -0.12 21.01 -17.00
C LEU B 482 0.46 20.22 -18.18
N ILE B 483 0.72 18.91 -18.03
CA ILE B 483 1.38 18.11 -19.10
C ILE B 483 0.31 17.49 -20.02
N HIS B 484 -0.80 16.99 -19.48
CA HIS B 484 -1.86 16.26 -20.25
C HIS B 484 -3.18 16.17 -19.46
N GLY B 485 -4.30 16.46 -20.12
CA GLY B 485 -5.65 16.30 -19.58
C GLY B 485 -6.02 17.40 -18.61
N GLU B 486 -5.79 18.66 -18.98
CA GLU B 486 -6.10 19.88 -18.18
C GLU B 486 -7.46 19.73 -17.47
N LYS B 487 -8.50 19.30 -18.21
CA LYS B 487 -9.90 19.27 -17.72
C LYS B 487 -10.39 17.82 -17.56
N ALA B 488 -9.54 16.82 -17.77
CA ALA B 488 -9.93 15.39 -17.70
C ALA B 488 -10.30 15.03 -16.25
N GLN B 489 -11.32 14.18 -16.10
CA GLN B 489 -11.92 13.79 -14.80
C GLN B 489 -10.89 13.03 -13.94
N TYR B 490 -9.90 12.33 -14.54
CA TYR B 490 -8.86 11.58 -13.78
C TYR B 490 -7.97 12.52 -12.96
N ASN B 491 -7.86 13.80 -13.36
CA ASN B 491 -7.05 14.83 -12.65
C ASN B 491 -7.89 15.51 -11.55
N ASP B 492 -9.19 15.21 -11.47
CA ASP B 492 -10.06 15.64 -10.34
C ASP B 492 -9.73 14.80 -9.10
N ILE B 493 -9.97 15.37 -7.92
CA ILE B 493 -10.03 14.65 -6.63
C ILE B 493 -11.30 15.12 -5.92
N GLN B 494 -11.85 14.26 -5.06
CA GLN B 494 -12.91 14.61 -4.09
C GLN B 494 -12.40 15.74 -3.20
N PRO B 495 -13.06 16.92 -3.16
CA PRO B 495 -12.69 17.95 -2.19
C PRO B 495 -12.87 17.43 -0.75
N TRP B 496 -11.84 17.63 0.09
CA TRP B 496 -11.84 17.29 1.55
C TRP B 496 -11.89 18.57 2.38
N ASN B 497 -12.58 18.52 3.53
CA ASN B 497 -12.45 19.54 4.62
C ASN B 497 -11.15 19.24 5.36
N ASN B 498 -10.01 19.54 4.72
CA ASN B 498 -8.67 19.09 5.13
C ASN B 498 -8.37 19.54 6.56
N LEU B 499 -8.77 20.76 6.93
CA LEU B 499 -8.43 21.39 8.22
C LEU B 499 -9.13 20.67 9.38
N GLN B 500 -10.15 19.85 9.08
CA GLN B 500 -10.84 19.01 10.08
C GLN B 500 -10.01 17.75 10.40
N LEU B 501 -8.95 17.46 9.63
CA LEU B 501 -8.17 16.20 9.81
C LEU B 501 -7.51 16.14 11.19
N LEU B 502 -6.80 17.19 11.63
CA LEU B 502 -6.07 17.18 12.93
C LEU B 502 -7.05 16.93 14.07
N PRO B 503 -8.21 17.63 14.17
CA PRO B 503 -9.19 17.34 15.22
C PRO B 503 -9.83 15.94 15.14
N LEU B 504 -10.08 15.43 13.92
CA LEU B 504 -10.65 14.07 13.69
C LEU B 504 -9.70 13.01 14.25
N PHE B 505 -8.40 13.22 14.12
CA PHE B 505 -7.35 12.30 14.62
C PHE B 505 -6.97 12.65 16.07
N ASN B 506 -7.71 13.56 16.72
CA ASN B 506 -7.62 13.86 18.18
C ASN B 506 -6.23 14.41 18.55
N ALA B 507 -5.71 15.34 17.75
CA ALA B 507 -4.61 16.24 18.13
C ALA B 507 -4.94 16.86 19.49
N LYS B 508 -4.03 16.68 20.45
CA LYS B 508 -4.19 17.13 21.86
C LYS B 508 -4.09 18.65 21.91
N LYS B 509 -3.20 19.22 21.09
CA LYS B 509 -2.87 20.66 21.06
C LYS B 509 -2.50 21.00 19.61
N TYR B 510 -3.31 21.79 18.91
CA TYR B 510 -3.18 21.99 17.45
C TYR B 510 -3.66 23.39 17.05
N GLU B 511 -3.36 23.79 15.82
CA GLU B 511 -3.82 25.07 15.22
C GLU B 511 -3.97 24.87 13.70
N THR B 512 -5.03 25.42 13.13
CA THR B 512 -5.30 25.37 11.67
C THR B 512 -5.54 26.79 11.14
N LYS B 513 -5.08 27.07 9.92
CA LYS B 513 -5.31 28.35 9.21
C LYS B 513 -5.55 28.08 7.73
N ARG B 514 -6.40 28.90 7.10
CA ARG B 514 -6.56 28.97 5.63
C ARG B 514 -5.93 30.28 5.16
N ILE B 515 -5.06 30.19 4.15
CA ILE B 515 -4.40 31.36 3.52
C ILE B 515 -4.95 31.48 2.11
N SER B 516 -5.57 32.63 1.79
CA SER B 516 -6.18 32.97 0.47
C SER B 516 -5.43 34.11 -0.21
N THR B 517 -4.75 34.97 0.58
CA THR B 517 -4.17 36.26 0.11
C THR B 517 -2.71 36.40 0.53
N VAL B 518 -2.01 37.29 -0.17
CA VAL B 518 -0.63 37.74 0.13
C VAL B 518 -0.56 38.28 1.57
N GLY B 519 -1.57 39.05 1.99
CA GLY B 519 -1.63 39.69 3.31
C GLY B 519 -1.68 38.67 4.44
N GLU B 520 -2.59 37.70 4.33
CA GLU B 520 -2.72 36.56 5.26
C GLU B 520 -1.38 35.80 5.34
N LEU B 521 -0.74 35.52 4.21
CA LEU B 521 0.53 34.76 4.17
C LEU B 521 1.63 35.55 4.89
N ASN B 522 1.79 36.84 4.54
CA ASN B 522 2.79 37.75 5.17
C ASN B 522 2.60 37.75 6.69
N ASP B 523 1.34 37.91 7.15
CA ASP B 523 0.96 37.94 8.58
C ASP B 523 1.34 36.61 9.25
N LEU B 524 1.00 35.49 8.61
CA LEU B 524 1.29 34.11 9.11
C LEU B 524 2.79 33.96 9.34
N PHE B 525 3.62 34.51 8.45
CA PHE B 525 5.10 34.31 8.45
C PHE B 525 5.81 35.30 9.37
N THR B 526 5.12 36.34 9.87
CA THR B 526 5.66 37.28 10.90
C THR B 526 4.99 37.04 12.25
N ASN B 527 4.04 36.12 12.33
CA ASN B 527 3.33 35.71 13.57
C ASN B 527 4.34 34.97 14.47
N LYS B 528 4.68 35.55 15.63
CA LYS B 528 5.75 35.07 16.55
C LYS B 528 5.33 33.73 17.21
N GLU B 529 4.06 33.58 17.58
CA GLU B 529 3.49 32.37 18.24
C GLU B 529 3.57 31.18 17.27
N PHE B 530 3.13 31.38 16.03
CA PHE B 530 3.01 30.36 14.95
C PHE B 530 4.39 29.76 14.63
N ALA B 531 5.46 30.56 14.71
CA ALA B 531 6.85 30.14 14.43
C ALA B 531 7.35 29.16 15.51
N VAL B 532 6.79 29.18 16.72
CA VAL B 532 7.23 28.32 17.86
C VAL B 532 6.57 26.95 17.71
N PRO B 533 7.36 25.85 17.63
CA PRO B 533 6.82 24.50 17.47
C PRO B 533 6.28 23.93 18.78
N ASP B 534 5.14 24.44 19.26
CA ASP B 534 4.54 24.07 20.57
C ASP B 534 3.19 23.36 20.36
N ARG B 535 2.83 23.09 19.10
CA ARG B 535 1.55 22.42 18.71
C ARG B 535 1.65 21.94 17.25
N ILE B 536 0.94 20.86 16.92
CA ILE B 536 0.87 20.33 15.53
C ILE B 536 -0.08 21.23 14.72
N ARG B 537 0.37 21.68 13.55
CA ARG B 537 -0.36 22.69 12.74
C ARG B 537 -0.62 22.14 11.33
N MET B 538 -1.76 22.52 10.75
CA MET B 538 -2.08 22.38 9.31
C MET B 538 -2.48 23.75 8.76
N VAL B 539 -1.91 24.15 7.63
CA VAL B 539 -2.24 25.41 6.90
C VAL B 539 -2.71 25.02 5.51
N GLU B 540 -3.93 25.37 5.11
CA GLU B 540 -4.42 25.17 3.73
C GLU B 540 -4.22 26.47 2.95
N ILE B 541 -3.47 26.41 1.85
CA ILE B 541 -3.18 27.56 0.96
C ILE B 541 -4.01 27.40 -0.32
N MET B 542 -5.01 28.24 -0.51
CA MET B 542 -5.92 28.20 -1.70
C MET B 542 -5.20 28.81 -2.90
N LEU B 543 -5.06 28.07 -4.00
CA LEU B 543 -4.32 28.50 -5.21
C LEU B 543 -5.16 28.19 -6.46
N PRO B 544 -5.04 28.97 -7.56
CA PRO B 544 -5.72 28.64 -8.81
C PRO B 544 -5.33 27.24 -9.34
N VAL B 545 -6.28 26.61 -10.03
CA VAL B 545 -6.20 25.21 -10.57
C VAL B 545 -4.92 25.04 -11.40
N MET B 546 -4.53 26.05 -12.18
CA MET B 546 -3.48 25.92 -13.22
C MET B 546 -2.26 26.77 -12.85
N ASP B 547 -2.23 27.38 -11.66
CA ASP B 547 -1.04 28.13 -11.19
C ASP B 547 0.10 27.13 -10.94
N ALA B 548 1.33 27.53 -11.27
CA ALA B 548 2.54 26.68 -11.16
C ALA B 548 3.77 27.57 -11.01
N PRO B 549 4.85 27.07 -10.37
CA PRO B 549 6.13 27.78 -10.35
C PRO B 549 6.73 27.88 -11.76
N ALA B 550 7.47 28.96 -12.03
CA ALA B 550 8.08 29.30 -13.35
C ALA B 550 8.75 28.06 -13.97
N ASN B 551 9.52 27.32 -13.16
CA ASN B 551 10.35 26.19 -13.66
C ASN B 551 9.45 25.07 -14.19
N LEU B 552 8.32 24.81 -13.52
CA LEU B 552 7.35 23.77 -13.96
C LEU B 552 6.59 24.27 -15.21
N VAL B 553 6.31 25.57 -15.29
CA VAL B 553 5.63 26.20 -16.47
C VAL B 553 6.52 25.97 -17.70
N ALA B 554 7.85 26.12 -17.54
CA ALA B 554 8.87 25.87 -18.59
C ALA B 554 8.80 24.41 -19.08
N GLN B 555 8.97 23.42 -18.20
CA GLN B 555 8.93 21.97 -18.57
C GLN B 555 7.61 21.63 -19.28
N ALA B 556 6.48 22.14 -18.79
CA ALA B 556 5.14 21.95 -19.39
C ALA B 556 5.15 22.37 -20.87
N LYS B 557 5.72 23.55 -21.15
CA LYS B 557 5.72 24.18 -22.51
C LYS B 557 6.63 23.39 -23.46
N GLN B 558 7.77 22.88 -23.00
CA GLN B 558 8.76 22.14 -23.83
C GLN B 558 8.38 20.65 -23.91
N SER B 559 7.58 20.14 -22.96
CA SER B 559 6.98 18.78 -23.01
C SER B 559 5.94 18.71 -24.15
N ALA B 560 5.31 19.84 -24.49
CA ALA B 560 4.40 20.00 -25.65
C ALA B 560 5.25 20.16 -26.93
#